data_1PE4
#
_entry.id   1PE4
#
_entity_poly.entity_id   1
_entity_poly.type   'polypeptide(L)'
_entity_poly.pdbx_seq_one_letter_code
;RDGYPLASNGCKFGCSGLGENNPTCNHVCEKKAGSDYGYCYAWTCYCEHVAEGTVLWGDSGTGPCRS
;
_entity_poly.pdbx_strand_id   A
#
# COMPACT_ATOMS: atom_id res chain seq x y z
N ARG A 1 -13.51 -6.58 -0.28
CA ARG A 1 -12.97 -6.15 -1.60
C ARG A 1 -11.44 -6.13 -1.58
N ASP A 2 -10.84 -6.85 -2.53
CA ASP A 2 -9.39 -6.92 -2.63
C ASP A 2 -8.79 -5.53 -2.81
N GLY A 3 -7.49 -5.42 -2.57
CA GLY A 3 -6.83 -4.12 -2.71
C GLY A 3 -5.67 -4.18 -3.67
N TYR A 4 -5.96 -4.50 -4.93
CA TYR A 4 -4.93 -4.56 -5.95
C TYR A 4 -5.25 -3.65 -7.14
N PRO A 5 -6.03 -2.56 -6.94
CA PRO A 5 -6.38 -1.63 -8.02
C PRO A 5 -5.27 -0.64 -8.31
N LEU A 6 -4.36 -0.46 -7.35
CA LEU A 6 -3.24 0.47 -7.50
C LEU A 6 -3.73 1.81 -8.03
N ALA A 7 -4.81 2.33 -7.44
CA ALA A 7 -5.39 3.61 -7.83
C ALA A 7 -4.31 4.66 -8.07
N SER A 8 -3.50 4.88 -7.05
CA SER A 8 -2.43 5.85 -7.13
C SER A 8 -1.28 5.33 -7.98
N ASN A 9 -1.10 5.93 -9.15
CA ASN A 9 -0.04 5.52 -10.07
C ASN A 9 1.34 5.63 -9.41
N GLY A 10 1.41 6.44 -8.36
CA GLY A 10 2.67 6.62 -7.66
C GLY A 10 2.90 5.58 -6.58
N CYS A 11 1.89 5.37 -5.74
CA CYS A 11 1.99 4.39 -4.66
C CYS A 11 0.68 4.27 -3.89
N LYS A 12 0.42 3.09 -3.35
CA LYS A 12 -0.81 2.86 -2.58
C LYS A 12 -0.51 3.04 -1.09
N PHE A 13 0.23 2.10 -0.53
CA PHE A 13 0.61 2.13 0.88
C PHE A 13 2.13 2.28 1.01
N GLY A 14 2.69 1.82 2.13
CA GLY A 14 4.12 1.91 2.33
C GLY A 14 4.90 1.12 1.31
N CYS A 15 6.07 0.60 1.73
CA CYS A 15 6.92 -0.17 0.84
C CYS A 15 7.33 0.66 -0.38
N SER A 16 8.59 1.04 -0.43
CA SER A 16 9.09 1.84 -1.54
C SER A 16 10.61 1.78 -1.61
N GLY A 17 11.12 1.15 -2.65
CA GLY A 17 12.57 1.04 -2.81
C GLY A 17 13.25 2.39 -2.74
N LEU A 18 12.95 3.25 -3.70
CA LEU A 18 13.53 4.59 -3.75
C LEU A 18 12.81 5.51 -2.77
N GLY A 19 12.81 5.14 -1.50
CA GLY A 19 12.14 5.96 -0.49
C GLY A 19 12.68 5.75 0.90
N GLU A 20 12.12 6.46 1.87
CA GLU A 20 12.54 6.37 3.26
C GLU A 20 11.88 5.18 3.96
N ASN A 21 11.88 5.22 5.29
CA ASN A 21 11.30 4.15 6.10
C ASN A 21 9.77 4.26 6.10
N ASN A 22 9.14 3.60 5.14
CA ASN A 22 7.69 3.63 5.02
C ASN A 22 7.10 2.23 5.19
N PRO A 23 7.41 1.54 6.31
CA PRO A 23 6.89 0.20 6.59
C PRO A 23 5.46 0.20 7.12
N THR A 24 4.81 1.36 7.08
CA THR A 24 3.44 1.48 7.57
C THR A 24 2.53 0.42 6.94
N CYS A 25 2.91 -0.07 5.77
CA CYS A 25 2.13 -1.09 5.07
C CYS A 25 1.66 -2.18 6.03
N ASN A 26 2.46 -2.47 7.04
CA ASN A 26 2.12 -3.48 8.02
C ASN A 26 0.91 -3.06 8.84
N HIS A 27 1.08 -2.00 9.64
CA HIS A 27 0.00 -1.50 10.48
C HIS A 27 -1.21 -1.10 9.64
N VAL A 28 -0.96 -0.42 8.52
CA VAL A 28 -2.02 0.03 7.63
C VAL A 28 -3.00 -1.11 7.31
N CYS A 29 -2.47 -2.24 6.87
CA CYS A 29 -3.29 -3.39 6.52
C CYS A 29 -4.09 -3.90 7.73
N GLU A 30 -3.40 -4.08 8.85
CA GLU A 30 -4.05 -4.58 10.07
C GLU A 30 -4.83 -3.48 10.80
N LYS A 31 -4.89 -2.28 10.23
CA LYS A 31 -5.61 -1.18 10.87
C LYS A 31 -6.96 -0.93 10.17
N LYS A 32 -6.91 -0.35 8.98
CA LYS A 32 -8.12 -0.05 8.23
C LYS A 32 -8.59 -1.27 7.44
N ALA A 33 -7.66 -2.15 7.11
CA ALA A 33 -7.99 -3.37 6.40
C ALA A 33 -8.14 -4.52 7.37
N GLY A 34 -7.67 -4.30 8.61
CA GLY A 34 -7.76 -5.29 9.64
C GLY A 34 -7.41 -6.70 9.16
N SER A 35 -6.53 -6.78 8.17
CA SER A 35 -6.11 -8.06 7.62
C SER A 35 -4.61 -8.11 7.43
N ASP A 36 -4.04 -9.31 7.48
CA ASP A 36 -2.60 -9.49 7.31
C ASP A 36 -2.28 -9.92 5.88
N TYR A 37 -3.08 -9.46 4.93
CA TYR A 37 -2.87 -9.81 3.52
C TYR A 37 -2.26 -8.64 2.76
N GLY A 38 -0.94 -8.65 2.63
CA GLY A 38 -0.24 -7.60 1.92
C GLY A 38 0.69 -8.13 0.86
N TYR A 39 0.90 -7.35 -0.20
CA TYR A 39 1.78 -7.76 -1.29
C TYR A 39 2.72 -6.63 -1.69
N CYS A 40 4.02 -6.85 -1.48
CA CYS A 40 5.03 -5.87 -1.82
C CYS A 40 6.07 -6.49 -2.74
N TYR A 41 6.17 -5.96 -3.96
CA TYR A 41 7.13 -6.47 -4.94
C TYR A 41 8.03 -5.35 -5.43
N ALA A 42 7.43 -4.31 -5.99
CA ALA A 42 8.18 -3.18 -6.50
C ALA A 42 8.22 -2.06 -5.45
N TRP A 43 8.24 -0.81 -5.91
CA TRP A 43 8.28 0.32 -5.00
C TRP A 43 6.88 0.72 -4.56
N THR A 44 6.21 -0.19 -3.85
CA THR A 44 4.86 0.05 -3.37
C THR A 44 4.34 -1.14 -2.57
N CYS A 45 3.17 -0.99 -1.98
CA CYS A 45 2.58 -2.07 -1.19
C CYS A 45 1.11 -2.28 -1.54
N TYR A 46 0.70 -3.54 -1.56
CA TYR A 46 -0.68 -3.90 -1.85
C TYR A 46 -1.35 -4.45 -0.59
N CYS A 47 -2.67 -4.65 -0.65
CA CYS A 47 -3.38 -5.16 0.51
C CYS A 47 -4.76 -5.68 0.14
N GLU A 48 -5.38 -6.40 1.07
CA GLU A 48 -6.72 -6.95 0.86
C GLU A 48 -7.71 -6.32 1.83
N HIS A 49 -8.97 -6.22 1.40
CA HIS A 49 -10.02 -5.64 2.23
C HIS A 49 -9.75 -4.16 2.50
N VAL A 50 -8.98 -3.53 1.61
CA VAL A 50 -8.66 -2.11 1.74
C VAL A 50 -9.43 -1.27 0.74
N ALA A 51 -9.73 -1.89 -0.40
CA ALA A 51 -10.47 -1.20 -1.46
C ALA A 51 -11.98 -1.30 -1.24
N GLU A 52 -12.39 -1.76 -0.06
CA GLU A 52 -13.80 -1.89 0.26
C GLU A 52 -14.39 -0.54 0.67
N GLY A 53 -14.30 0.44 -0.23
CA GLY A 53 -14.82 1.76 0.05
C GLY A 53 -13.77 2.70 0.61
N THR A 54 -12.73 2.14 1.23
CA THR A 54 -11.65 2.94 1.79
C THR A 54 -10.95 3.75 0.72
N VAL A 55 -9.88 4.45 1.11
CA VAL A 55 -9.14 5.28 0.17
C VAL A 55 -7.87 4.55 -0.31
N LEU A 56 -7.29 5.05 -1.40
CA LEU A 56 -6.08 4.45 -1.96
C LEU A 56 -5.38 5.43 -2.90
N TRP A 57 -4.53 6.29 -2.33
CA TRP A 57 -3.81 7.26 -3.12
C TRP A 57 -2.42 7.53 -2.55
N GLY A 58 -1.88 6.55 -1.83
CA GLY A 58 -0.56 6.70 -1.25
C GLY A 58 -0.58 6.90 0.26
N ASP A 59 0.14 6.05 0.99
CA ASP A 59 0.21 6.15 2.44
C ASP A 59 1.43 6.97 2.87
N SER A 60 2.44 6.30 3.42
CA SER A 60 3.65 6.97 3.86
C SER A 60 4.78 6.78 2.86
N GLY A 61 4.84 5.59 2.27
CA GLY A 61 5.87 5.29 1.29
C GLY A 61 5.60 5.95 -0.05
N THR A 62 4.40 6.49 -0.22
CA THR A 62 4.03 7.13 -1.48
C THR A 62 4.95 8.31 -1.79
N GLY A 63 4.87 8.80 -3.02
CA GLY A 63 5.70 9.91 -3.45
C GLY A 63 6.73 9.48 -4.48
N PRO A 64 7.92 9.08 -4.05
CA PRO A 64 8.99 8.64 -4.95
C PRO A 64 8.90 7.14 -5.27
N CYS A 65 7.75 6.54 -4.97
CA CYS A 65 7.55 5.12 -5.21
C CYS A 65 7.79 4.76 -6.68
N ARG A 66 6.72 4.72 -7.47
CA ARG A 66 6.83 4.39 -8.90
C ARG A 66 6.29 5.51 -9.76
N SER A 67 6.72 5.55 -11.02
CA SER A 67 6.26 6.58 -11.95
C SER A 67 5.00 6.14 -12.68
N ARG A 1 -13.05 -7.70 -1.03
CA ARG A 1 -12.62 -6.45 -1.72
C ARG A 1 -11.11 -6.26 -1.65
N ASP A 2 -10.38 -7.01 -2.47
CA ASP A 2 -8.93 -6.91 -2.50
C ASP A 2 -8.49 -5.49 -2.80
N GLY A 3 -7.20 -5.22 -2.63
CA GLY A 3 -6.67 -3.90 -2.89
C GLY A 3 -5.55 -3.91 -3.90
N TYR A 4 -5.91 -4.10 -5.18
CA TYR A 4 -4.94 -4.14 -6.25
C TYR A 4 -5.23 -3.09 -7.34
N PRO A 5 -6.04 -2.04 -7.06
CA PRO A 5 -6.35 -1.01 -8.05
C PRO A 5 -5.25 0.03 -8.16
N LEU A 6 -4.36 0.05 -7.15
CA LEU A 6 -3.25 1.01 -7.11
C LEU A 6 -3.71 2.41 -7.51
N ALA A 7 -4.24 3.14 -6.54
CA ALA A 7 -4.74 4.51 -6.76
C ALA A 7 -3.84 5.28 -7.72
N SER A 8 -2.76 5.80 -7.18
CA SER A 8 -1.81 6.56 -7.98
C SER A 8 -1.24 5.68 -9.10
N ASN A 9 -0.11 6.09 -9.65
CA ASN A 9 0.52 5.33 -10.72
C ASN A 9 1.42 4.24 -10.16
N GLY A 10 0.84 3.38 -9.33
CA GLY A 10 1.60 2.30 -8.73
C GLY A 10 1.88 2.52 -7.25
N CYS A 11 1.49 3.68 -6.74
CA CYS A 11 1.71 4.01 -5.33
C CYS A 11 0.46 3.73 -4.50
N LYS A 12 0.59 2.84 -3.51
CA LYS A 12 -0.54 2.50 -2.66
C LYS A 12 -0.24 2.83 -1.20
N PHE A 13 0.48 1.93 -0.53
CA PHE A 13 0.84 2.12 0.87
C PHE A 13 2.36 2.23 1.02
N GLY A 14 2.84 2.25 2.26
CA GLY A 14 4.27 2.35 2.48
C GLY A 14 4.99 1.01 2.41
N CYS A 15 5.79 0.82 1.37
CA CYS A 15 6.54 -0.42 1.19
C CYS A 15 7.38 -0.37 -0.09
N SER A 16 7.78 0.84 -0.47
CA SER A 16 8.59 1.02 -1.68
C SER A 16 9.93 0.30 -1.55
N GLY A 17 10.68 0.28 -2.64
CA GLY A 17 11.99 -0.38 -2.62
C GLY A 17 13.13 0.62 -2.49
N LEU A 18 12.94 1.79 -3.08
CA LEU A 18 13.94 2.84 -3.01
C LEU A 18 13.90 3.55 -1.66
N GLY A 19 14.14 2.81 -0.59
CA GLY A 19 14.12 3.38 0.73
C GLY A 19 13.04 2.76 1.61
N GLU A 20 13.44 2.22 2.75
CA GLU A 20 12.50 1.59 3.68
C GLU A 20 11.83 2.63 4.58
N ASN A 21 11.92 3.90 4.22
CA ASN A 21 11.31 4.97 5.00
C ASN A 21 9.81 5.07 4.73
N ASN A 22 9.09 3.99 5.01
CA ASN A 22 7.64 3.95 4.80
C ASN A 22 7.06 2.62 5.28
N PRO A 23 7.23 2.30 6.58
CA PRO A 23 6.72 1.07 7.17
C PRO A 23 5.29 1.20 7.65
N THR A 24 4.49 1.97 6.92
CA THR A 24 3.08 2.18 7.29
C THR A 24 2.21 1.02 6.82
N CYS A 25 2.45 0.54 5.61
CA CYS A 25 1.68 -0.56 5.05
C CYS A 25 1.53 -1.71 6.05
N ASN A 26 2.51 -1.84 6.93
CA ASN A 26 2.46 -2.90 7.94
C ASN A 26 1.27 -2.72 8.87
N HIS A 27 1.31 -1.70 9.71
CA HIS A 27 0.23 -1.44 10.66
C HIS A 27 -1.01 -0.89 9.95
N VAL A 28 -0.82 -0.05 8.93
CA VAL A 28 -1.93 0.52 8.20
C VAL A 28 -2.84 -0.57 7.64
N CYS A 29 -2.24 -1.59 7.05
CA CYS A 29 -3.00 -2.69 6.47
C CYS A 29 -3.66 -3.55 7.55
N GLU A 30 -2.93 -3.83 8.62
CA GLU A 30 -3.45 -4.66 9.71
C GLU A 30 -4.41 -3.88 10.62
N LYS A 31 -4.59 -2.59 10.35
CA LYS A 31 -5.49 -1.77 11.16
C LYS A 31 -6.86 -1.61 10.50
N LYS A 32 -6.87 -1.03 9.29
CA LYS A 32 -8.12 -0.80 8.58
C LYS A 32 -8.38 -1.88 7.53
N ALA A 33 -7.32 -2.39 6.92
CA ALA A 33 -7.44 -3.42 5.91
C ALA A 33 -7.22 -4.79 6.52
N GLY A 34 -7.22 -4.84 7.85
CA GLY A 34 -7.01 -6.09 8.56
C GLY A 34 -5.72 -6.79 8.15
N SER A 35 -5.33 -7.79 8.92
CA SER A 35 -4.11 -8.53 8.64
C SER A 35 -4.43 -9.90 8.04
N ASP A 36 -3.99 -10.11 6.81
CA ASP A 36 -4.23 -11.38 6.13
C ASP A 36 -3.49 -11.43 4.80
N TYR A 37 -3.95 -10.64 3.82
CA TYR A 37 -3.33 -10.61 2.51
C TYR A 37 -2.53 -9.34 2.30
N GLY A 38 -1.21 -9.49 2.15
CA GLY A 38 -0.33 -8.36 1.93
C GLY A 38 0.61 -8.60 0.76
N TYR A 39 0.72 -7.61 -0.13
CA TYR A 39 1.59 -7.75 -1.29
C TYR A 39 2.60 -6.59 -1.38
N CYS A 40 3.87 -6.95 -1.38
CA CYS A 40 4.95 -5.97 -1.47
C CYS A 40 6.11 -6.57 -2.25
N TYR A 41 6.24 -6.18 -3.52
CA TYR A 41 7.29 -6.70 -4.38
C TYR A 41 8.13 -5.56 -4.95
N ALA A 42 7.49 -4.64 -5.66
CA ALA A 42 8.17 -3.52 -6.25
C ALA A 42 8.18 -2.33 -5.28
N TRP A 43 8.19 -1.13 -5.82
CA TRP A 43 8.21 0.07 -4.99
C TRP A 43 6.79 0.50 -4.60
N THR A 44 6.07 -0.40 -3.94
CA THR A 44 4.70 -0.11 -3.51
C THR A 44 4.17 -1.21 -2.58
N CYS A 45 2.94 -1.05 -2.11
CA CYS A 45 2.34 -2.02 -1.20
C CYS A 45 0.86 -2.21 -1.50
N TYR A 46 0.47 -3.44 -1.80
CA TYR A 46 -0.92 -3.78 -2.05
C TYR A 46 -1.48 -4.48 -0.83
N CYS A 47 -2.81 -4.52 -0.71
CA CYS A 47 -3.41 -5.16 0.45
C CYS A 47 -4.90 -5.45 0.23
N GLU A 48 -5.42 -6.40 1.00
CA GLU A 48 -6.83 -6.78 0.89
C GLU A 48 -7.69 -5.89 1.79
N HIS A 49 -8.91 -5.62 1.35
CA HIS A 49 -9.84 -4.79 2.11
C HIS A 49 -9.34 -3.35 2.21
N VAL A 50 -9.32 -2.65 1.08
CA VAL A 50 -8.88 -1.26 1.03
C VAL A 50 -9.45 -0.56 -0.18
N ALA A 51 -9.43 -1.23 -1.31
CA ALA A 51 -9.95 -0.67 -2.56
C ALA A 51 -11.45 -0.43 -2.44
N GLU A 52 -12.21 -1.51 -2.35
CA GLU A 52 -13.66 -1.42 -2.23
C GLU A 52 -14.08 -1.23 -0.78
N GLY A 53 -13.23 -0.59 0.01
CA GLY A 53 -13.53 -0.36 1.41
C GLY A 53 -13.05 0.99 1.90
N THR A 54 -11.75 1.10 2.17
CA THR A 54 -11.17 2.35 2.64
C THR A 54 -10.78 3.25 1.48
N VAL A 55 -10.06 4.32 1.77
CA VAL A 55 -9.62 5.26 0.75
C VAL A 55 -8.11 5.18 0.53
N LEU A 56 -7.70 5.25 -0.73
CA LEU A 56 -6.29 5.19 -1.07
C LEU A 56 -5.93 6.27 -2.10
N TRP A 57 -4.97 7.12 -1.75
CA TRP A 57 -4.55 8.19 -2.64
C TRP A 57 -3.15 8.69 -2.27
N GLY A 58 -2.34 7.81 -1.69
CA GLY A 58 -1.00 8.19 -1.31
C GLY A 58 -0.77 8.14 0.20
N ASP A 59 -0.06 7.10 0.64
CA ASP A 59 0.24 6.93 2.06
C ASP A 59 1.60 7.55 2.42
N SER A 60 2.54 6.73 2.90
CA SER A 60 3.86 7.23 3.26
C SER A 60 4.88 6.89 2.17
N GLY A 61 5.01 5.61 1.86
CA GLY A 61 5.95 5.18 0.84
C GLY A 61 5.55 5.63 -0.54
N THR A 62 4.27 5.91 -0.73
CA THR A 62 3.77 6.35 -2.03
C THR A 62 4.40 7.67 -2.45
N GLY A 63 3.94 8.21 -3.57
CA GLY A 63 4.50 9.46 -4.06
C GLY A 63 5.50 9.22 -5.19
N PRO A 64 6.77 8.97 -4.85
CA PRO A 64 7.81 8.68 -5.82
C PRO A 64 7.95 7.18 -6.04
N CYS A 65 6.83 6.48 -5.88
CA CYS A 65 6.78 5.03 -6.03
C CYS A 65 7.27 4.59 -7.41
N ARG A 66 6.81 3.41 -7.85
CA ARG A 66 7.19 2.89 -9.15
C ARG A 66 6.71 3.80 -10.27
N SER A 67 7.54 4.78 -10.62
CA SER A 67 7.19 5.72 -11.68
C SER A 67 8.21 5.65 -12.82
N ARG A 1 -13.53 -6.21 -0.06
CA ARG A 1 -12.99 -5.74 -1.36
C ARG A 1 -11.48 -5.82 -1.39
N ASP A 2 -10.94 -6.53 -2.39
CA ASP A 2 -9.49 -6.68 -2.53
C ASP A 2 -8.80 -5.33 -2.43
N GLY A 3 -7.46 -5.35 -2.36
CA GLY A 3 -6.71 -4.13 -2.26
C GLY A 3 -5.67 -3.97 -3.35
N TYR A 4 -6.14 -3.74 -4.58
CA TYR A 4 -5.25 -3.56 -5.72
C TYR A 4 -5.61 -2.32 -6.54
N PRO A 5 -6.24 -1.30 -5.92
CA PRO A 5 -6.60 -0.08 -6.65
C PRO A 5 -5.37 0.67 -7.14
N LEU A 6 -4.24 0.45 -6.45
CA LEU A 6 -2.98 1.09 -6.80
C LEU A 6 -3.19 2.55 -7.21
N ALA A 7 -3.65 3.36 -6.25
CA ALA A 7 -3.93 4.79 -6.45
C ALA A 7 -3.27 5.34 -7.72
N SER A 8 -2.10 5.95 -7.57
CA SER A 8 -1.38 6.50 -8.70
C SER A 8 -0.99 5.39 -9.67
N ASN A 9 0.12 5.54 -10.38
CA ASN A 9 0.56 4.52 -11.33
C ASN A 9 1.30 3.39 -10.62
N GLY A 10 0.64 2.75 -9.67
CA GLY A 10 1.25 1.65 -8.96
C GLY A 10 1.76 2.03 -7.58
N CYS A 11 0.85 2.31 -6.65
CA CYS A 11 1.23 2.66 -5.30
C CYS A 11 0.02 2.75 -4.36
N LYS A 12 0.05 1.95 -3.30
CA LYS A 12 -1.04 1.94 -2.32
C LYS A 12 -0.53 2.39 -0.96
N PHE A 13 0.10 1.49 -0.23
CA PHE A 13 0.65 1.80 1.09
C PHE A 13 2.17 1.90 1.03
N GLY A 14 2.83 1.83 2.19
CA GLY A 14 4.28 1.92 2.23
C GLY A 14 4.96 0.85 1.39
N CYS A 15 6.00 0.24 1.94
CA CYS A 15 6.74 -0.80 1.24
C CYS A 15 7.34 -0.26 -0.06
N SER A 16 8.64 -0.46 -0.23
CA SER A 16 9.33 0.00 -1.43
C SER A 16 10.81 -0.33 -1.36
N GLY A 17 11.55 0.05 -2.41
CA GLY A 17 12.98 -0.21 -2.45
C GLY A 17 13.79 0.99 -2.01
N LEU A 18 13.39 2.17 -2.46
CA LEU A 18 14.10 3.41 -2.11
C LEU A 18 13.73 3.85 -0.69
N GLY A 19 14.05 3.01 0.29
CA GLY A 19 13.74 3.34 1.67
C GLY A 19 13.40 2.11 2.49
N GLU A 20 14.19 1.83 3.51
CA GLU A 20 13.97 0.68 4.37
C GLU A 20 12.85 0.96 5.38
N ASN A 21 12.59 2.22 5.64
CA ASN A 21 11.56 2.62 6.58
C ASN A 21 10.18 2.59 5.91
N ASN A 22 9.35 3.60 6.19
CA ASN A 22 8.00 3.67 5.62
C ASN A 22 7.23 2.38 5.85
N PRO A 23 7.14 1.92 7.11
CA PRO A 23 6.43 0.68 7.46
C PRO A 23 4.94 0.92 7.72
N THR A 24 4.39 1.96 7.10
CA THR A 24 2.98 2.28 7.27
C THR A 24 2.09 1.14 6.81
N CYS A 25 2.41 0.57 5.64
CA CYS A 25 1.63 -0.54 5.09
C CYS A 25 1.36 -1.61 6.15
N ASN A 26 2.38 -1.90 6.96
CA ASN A 26 2.24 -2.90 8.01
C ASN A 26 1.10 -2.56 8.97
N HIS A 27 1.16 -1.36 9.55
CA HIS A 27 0.13 -0.93 10.47
C HIS A 27 -1.18 -0.64 9.74
N VAL A 28 -1.09 0.04 8.61
CA VAL A 28 -2.27 0.39 7.82
C VAL A 28 -3.08 -0.86 7.47
N CYS A 29 -2.45 -1.83 6.83
CA CYS A 29 -3.12 -3.06 6.44
C CYS A 29 -3.74 -3.75 7.66
N GLU A 30 -2.97 -3.84 8.73
CA GLU A 30 -3.45 -4.48 9.95
C GLU A 30 -4.36 -3.55 10.76
N LYS A 31 -4.57 -2.34 10.26
CA LYS A 31 -5.43 -1.38 10.94
C LYS A 31 -6.79 -1.25 10.27
N LYS A 32 -6.79 -0.73 9.04
CA LYS A 32 -8.03 -0.55 8.29
C LYS A 32 -8.47 -1.85 7.61
N ALA A 33 -7.50 -2.71 7.31
CA ALA A 33 -7.79 -3.98 6.68
C ALA A 33 -7.83 -5.06 7.75
N GLY A 34 -7.25 -4.76 8.90
CA GLY A 34 -7.23 -5.69 10.01
C GLY A 34 -6.91 -7.11 9.60
N SER A 35 -6.15 -7.26 8.52
CA SER A 35 -5.78 -8.58 8.02
C SER A 35 -4.30 -8.63 7.65
N ASP A 36 -3.83 -9.82 7.28
CA ASP A 36 -2.42 -10.00 6.90
C ASP A 36 -2.31 -10.45 5.45
N TYR A 37 -3.28 -10.05 4.63
CA TYR A 37 -3.29 -10.40 3.22
C TYR A 37 -2.77 -9.24 2.37
N GLY A 38 -1.55 -9.37 1.87
CA GLY A 38 -0.97 -8.32 1.05
C GLY A 38 0.02 -8.87 0.03
N TYR A 39 0.82 -7.97 -0.54
CA TYR A 39 1.81 -8.34 -1.55
C TYR A 39 2.77 -7.18 -1.78
N CYS A 40 4.06 -7.47 -1.74
CA CYS A 40 5.08 -6.45 -1.97
C CYS A 40 6.01 -6.85 -3.11
N TYR A 41 6.27 -5.91 -4.01
CA TYR A 41 7.14 -6.16 -5.14
C TYR A 41 8.29 -5.15 -5.16
N ALA A 42 8.13 -4.06 -5.93
CA ALA A 42 9.16 -3.05 -6.01
C ALA A 42 8.84 -1.89 -5.05
N TRP A 43 8.62 -0.69 -5.60
CA TRP A 43 8.31 0.48 -4.78
C TRP A 43 6.80 0.59 -4.52
N THR A 44 6.25 -0.31 -3.71
CA THR A 44 4.82 -0.28 -3.39
C THR A 44 4.42 -1.40 -2.43
N CYS A 45 3.15 -1.38 -2.03
CA CYS A 45 2.60 -2.38 -1.11
C CYS A 45 1.19 -2.79 -1.55
N TYR A 46 0.86 -4.05 -1.34
CA TYR A 46 -0.45 -4.56 -1.71
C TYR A 46 -1.24 -5.01 -0.48
N CYS A 47 -2.56 -5.00 -0.57
CA CYS A 47 -3.40 -5.40 0.55
C CYS A 47 -4.71 -6.02 0.07
N GLU A 48 -5.45 -6.60 1.00
CA GLU A 48 -6.73 -7.23 0.70
C GLU A 48 -7.80 -6.79 1.71
N HIS A 49 -9.01 -6.56 1.21
CA HIS A 49 -10.11 -6.14 2.08
C HIS A 49 -9.87 -4.73 2.61
N VAL A 50 -9.19 -3.91 1.80
CA VAL A 50 -8.89 -2.53 2.19
C VAL A 50 -9.75 -1.54 1.41
N ALA A 51 -10.12 -1.93 0.20
CA ALA A 51 -10.94 -1.08 -0.67
C ALA A 51 -12.42 -1.13 -0.26
N GLU A 52 -12.72 -1.72 0.88
CA GLU A 52 -14.10 -1.82 1.35
C GLU A 52 -14.56 -0.49 1.94
N GLY A 53 -14.53 0.56 1.12
CA GLY A 53 -14.95 1.87 1.58
C GLY A 53 -13.78 2.79 1.88
N THR A 54 -12.61 2.21 2.12
CA THR A 54 -11.41 2.99 2.42
C THR A 54 -10.88 3.71 1.18
N VAL A 55 -9.86 4.54 1.37
CA VAL A 55 -9.27 5.28 0.27
C VAL A 55 -7.75 5.21 0.31
N LEU A 56 -7.12 5.34 -0.86
CA LEU A 56 -5.66 5.31 -0.96
C LEU A 56 -5.18 6.34 -1.97
N TRP A 57 -4.09 7.04 -1.63
CA TRP A 57 -3.53 8.06 -2.51
C TRP A 57 -2.08 8.37 -2.15
N GLY A 58 -1.17 7.53 -2.60
CA GLY A 58 0.24 7.73 -2.34
C GLY A 58 0.56 7.74 -0.85
N ASP A 59 1.23 6.68 -0.40
CA ASP A 59 1.60 6.57 1.01
C ASP A 59 3.04 7.07 1.22
N SER A 60 3.72 6.53 2.23
CA SER A 60 5.10 6.93 2.51
C SER A 60 6.07 6.36 1.48
N GLY A 61 6.36 5.07 1.61
CA GLY A 61 7.27 4.43 0.66
C GLY A 61 6.74 4.43 -0.76
N THR A 62 5.45 4.70 -0.90
CA THR A 62 4.82 4.73 -2.21
C THR A 62 4.84 6.13 -2.83
N GLY A 63 5.37 7.10 -2.09
CA GLY A 63 5.44 8.49 -2.57
C GLY A 63 5.48 8.59 -4.10
N PRO A 64 6.63 8.26 -4.72
CA PRO A 64 6.80 8.33 -6.17
C PRO A 64 6.26 7.09 -6.88
N CYS A 65 5.76 6.13 -6.11
CA CYS A 65 5.22 4.90 -6.67
C CYS A 65 6.26 4.19 -7.53
N ARG A 66 5.93 2.99 -7.99
CA ARG A 66 6.82 2.21 -8.83
C ARG A 66 7.08 2.93 -10.15
N SER A 67 8.35 3.23 -10.42
CA SER A 67 8.73 3.91 -11.65
C SER A 67 8.00 5.25 -11.79
N ARG A 1 -13.63 -7.44 -1.86
CA ARG A 1 -13.08 -6.11 -1.50
C ARG A 1 -11.55 -6.15 -1.39
N ASP A 2 -10.91 -6.70 -2.41
CA ASP A 2 -9.44 -6.80 -2.43
C ASP A 2 -8.81 -5.43 -2.59
N GLY A 3 -7.48 -5.39 -2.47
CA GLY A 3 -6.77 -4.14 -2.61
C GLY A 3 -5.66 -4.21 -3.63
N TYR A 4 -6.04 -4.42 -4.89
CA TYR A 4 -5.08 -4.53 -5.97
C TYR A 4 -5.34 -3.50 -7.10
N PRO A 5 -6.28 -2.54 -6.92
CA PRO A 5 -6.56 -1.53 -7.97
C PRO A 5 -5.51 -0.45 -8.00
N LEU A 6 -4.68 -0.38 -6.97
CA LEU A 6 -3.61 0.62 -6.87
C LEU A 6 -4.09 1.99 -7.34
N ALA A 7 -4.62 2.78 -6.40
CA ALA A 7 -5.13 4.12 -6.69
C ALA A 7 -4.27 4.85 -7.72
N SER A 8 -3.14 5.35 -7.26
CA SER A 8 -2.23 6.09 -8.12
C SER A 8 -1.46 5.13 -9.02
N ASN A 9 -0.48 5.66 -9.73
CA ASN A 9 0.33 4.86 -10.64
C ASN A 9 1.31 3.98 -9.88
N GLY A 10 0.86 2.79 -9.49
CA GLY A 10 1.71 1.87 -8.77
C GLY A 10 2.30 2.44 -7.50
N CYS A 11 1.45 2.82 -6.56
CA CYS A 11 1.89 3.38 -5.29
C CYS A 11 0.73 3.51 -4.31
N LYS A 12 0.49 2.45 -3.56
CA LYS A 12 -0.59 2.45 -2.56
C LYS A 12 -0.07 2.95 -1.22
N PHE A 13 0.63 2.09 -0.50
CA PHE A 13 1.19 2.44 0.80
C PHE A 13 2.72 2.41 0.74
N GLY A 14 3.36 2.06 1.85
CA GLY A 14 4.81 2.01 1.87
C GLY A 14 5.40 0.98 0.92
N CYS A 15 6.44 0.30 1.38
CA CYS A 15 7.13 -0.71 0.57
C CYS A 15 8.12 -0.07 -0.41
N SER A 16 8.27 1.24 -0.33
CA SER A 16 9.18 1.95 -1.21
C SER A 16 10.63 1.56 -0.92
N GLY A 17 11.04 0.41 -1.47
CA GLY A 17 12.40 -0.08 -1.25
C GLY A 17 13.45 1.01 -1.36
N LEU A 18 13.58 1.59 -2.54
CA LEU A 18 14.56 2.65 -2.78
C LEU A 18 14.35 3.82 -1.83
N GLY A 19 15.06 3.81 -0.70
CA GLY A 19 14.93 4.88 0.26
C GLY A 19 13.85 4.60 1.30
N GLU A 20 13.15 5.66 1.71
CA GLU A 20 12.09 5.54 2.70
C GLU A 20 11.04 4.53 2.25
N ASN A 21 11.05 3.35 2.84
CA ASN A 21 10.10 2.30 2.50
C ASN A 21 8.76 2.50 3.21
N ASN A 22 8.66 3.56 4.00
CA ASN A 22 7.43 3.85 4.74
C ASN A 22 6.89 2.61 5.44
N PRO A 23 7.56 2.18 6.53
CA PRO A 23 7.14 0.99 7.30
C PRO A 23 5.70 1.07 7.78
N THR A 24 5.13 2.27 7.75
CA THR A 24 3.75 2.49 8.20
C THR A 24 2.80 1.49 7.56
N CYS A 25 3.15 0.98 6.39
CA CYS A 25 2.31 0.01 5.68
C CYS A 25 1.94 -1.16 6.59
N ASN A 26 2.86 -1.53 7.47
CA ASN A 26 2.63 -2.62 8.40
C ASN A 26 1.34 -2.40 9.18
N HIS A 27 1.24 -1.25 9.83
CA HIS A 27 0.05 -0.90 10.60
C HIS A 27 -1.10 -0.58 9.67
N VAL A 28 -0.81 0.15 8.59
CA VAL A 28 -1.82 0.54 7.61
C VAL A 28 -2.53 -0.70 7.06
N CYS A 29 -1.75 -1.67 6.60
CA CYS A 29 -2.31 -2.90 6.04
C CYS A 29 -2.96 -3.74 7.13
N GLU A 30 -2.30 -3.80 8.28
CA GLU A 30 -2.81 -4.60 9.40
C GLU A 30 -3.95 -3.88 10.14
N LYS A 31 -4.31 -2.68 9.69
CA LYS A 31 -5.38 -1.92 10.33
C LYS A 31 -6.62 -1.85 9.45
N LYS A 32 -6.48 -1.28 8.26
CA LYS A 32 -7.60 -1.13 7.33
C LYS A 32 -7.67 -2.29 6.34
N ALA A 33 -6.51 -2.80 5.96
CA ALA A 33 -6.45 -3.92 5.03
C ALA A 33 -6.30 -5.23 5.79
N GLY A 34 -6.42 -5.15 7.11
CA GLY A 34 -6.29 -6.33 7.95
C GLY A 34 -4.96 -7.04 7.76
N SER A 35 -4.63 -7.92 8.68
CA SER A 35 -3.38 -8.67 8.61
C SER A 35 -3.63 -10.11 8.18
N ASP A 36 -3.95 -10.29 6.91
CA ASP A 36 -4.22 -11.62 6.36
C ASP A 36 -3.75 -11.71 4.91
N TYR A 37 -4.52 -11.08 4.01
CA TYR A 37 -4.17 -11.10 2.59
C TYR A 37 -3.46 -9.81 2.19
N GLY A 38 -2.15 -9.87 2.15
CA GLY A 38 -1.35 -8.71 1.78
C GLY A 38 -0.13 -9.07 0.97
N TYR A 39 0.10 -8.33 -0.11
CA TYR A 39 1.25 -8.60 -0.98
C TYR A 39 2.04 -7.32 -1.26
N CYS A 40 3.34 -7.48 -1.40
CA CYS A 40 4.23 -6.35 -1.69
C CYS A 40 5.16 -6.69 -2.84
N TYR A 41 5.53 -5.68 -3.62
CA TYR A 41 6.41 -5.90 -4.75
C TYR A 41 7.65 -5.00 -4.64
N ALA A 42 7.77 -3.97 -5.49
CA ALA A 42 8.90 -3.07 -5.44
C ALA A 42 8.57 -1.82 -4.63
N TRP A 43 8.45 -0.67 -5.30
CA TRP A 43 8.13 0.58 -4.63
C TRP A 43 6.62 0.77 -4.50
N THR A 44 5.96 -0.16 -3.81
CA THR A 44 4.51 -0.08 -3.61
C THR A 44 4.02 -1.14 -2.64
N CYS A 45 2.92 -0.83 -1.96
CA CYS A 45 2.33 -1.74 -0.98
C CYS A 45 0.92 -2.17 -1.39
N TYR A 46 0.75 -3.47 -1.59
CA TYR A 46 -0.56 -4.00 -1.98
C TYR A 46 -1.18 -4.77 -0.81
N CYS A 47 -2.50 -4.83 -0.76
CA CYS A 47 -3.17 -5.53 0.34
C CYS A 47 -4.64 -5.81 0.02
N GLU A 48 -5.36 -6.37 0.99
CA GLU A 48 -6.77 -6.68 0.82
C GLU A 48 -7.62 -5.85 1.77
N HIS A 49 -8.86 -5.57 1.37
CA HIS A 49 -9.79 -4.79 2.19
C HIS A 49 -9.32 -3.35 2.33
N VAL A 50 -9.16 -2.67 1.21
CA VAL A 50 -8.72 -1.27 1.21
C VAL A 50 -9.44 -0.49 0.12
N ALA A 51 -9.48 -1.07 -1.06
CA ALA A 51 -10.15 -0.44 -2.20
C ALA A 51 -11.64 -0.29 -1.93
N GLU A 52 -12.16 -1.16 -1.06
CA GLU A 52 -13.56 -1.15 -0.69
C GLU A 52 -13.93 0.17 -0.02
N GLY A 53 -14.92 0.10 0.88
CA GLY A 53 -15.37 1.29 1.58
C GLY A 53 -14.24 2.20 2.04
N THR A 54 -13.08 1.61 2.32
CA THR A 54 -11.92 2.38 2.78
C THR A 54 -11.47 3.37 1.70
N VAL A 55 -10.28 3.93 1.87
CA VAL A 55 -9.74 4.88 0.91
C VAL A 55 -8.23 4.73 0.76
N LEU A 56 -7.73 5.05 -0.43
CA LEU A 56 -6.30 4.94 -0.72
C LEU A 56 -5.89 5.95 -1.80
N TRP A 57 -4.77 6.62 -1.57
CA TRP A 57 -4.28 7.61 -2.52
C TRP A 57 -2.80 7.91 -2.29
N GLY A 58 -2.06 6.90 -1.83
CA GLY A 58 -0.63 7.07 -1.59
C GLY A 58 -0.34 7.52 -0.17
N ASP A 59 0.45 6.72 0.55
CA ASP A 59 0.83 7.03 1.92
C ASP A 59 2.16 7.80 1.94
N SER A 60 3.18 7.22 2.58
CA SER A 60 4.49 7.87 2.65
C SER A 60 5.43 7.28 1.61
N GLY A 61 5.17 6.05 1.19
CA GLY A 61 6.00 5.40 0.19
C GLY A 61 5.46 5.55 -1.21
N THR A 62 4.65 6.59 -1.43
CA THR A 62 4.07 6.84 -2.74
C THR A 62 4.97 7.74 -3.60
N GLY A 63 4.76 9.05 -3.50
CA GLY A 63 5.57 9.99 -4.28
C GLY A 63 5.55 9.67 -5.76
N PRO A 64 6.73 9.52 -6.39
CA PRO A 64 6.82 9.21 -7.82
C PRO A 64 6.31 7.80 -8.15
N CYS A 65 6.10 7.01 -7.10
CA CYS A 65 5.62 5.63 -7.27
C CYS A 65 6.66 4.78 -7.98
N ARG A 66 6.25 3.58 -8.37
CA ARG A 66 7.13 2.65 -9.06
C ARG A 66 7.34 3.08 -10.51
N SER A 67 6.39 3.86 -11.04
CA SER A 67 6.48 4.33 -12.42
C SER A 67 7.80 5.07 -12.66
N ARG A 1 -13.59 -7.61 -2.26
CA ARG A 1 -13.17 -6.28 -1.75
C ARG A 1 -11.66 -6.25 -1.48
N ASP A 2 -10.89 -6.87 -2.36
CA ASP A 2 -9.44 -6.91 -2.21
C ASP A 2 -8.84 -5.52 -2.35
N GLY A 3 -7.52 -5.43 -2.27
CA GLY A 3 -6.85 -4.15 -2.39
C GLY A 3 -5.77 -4.16 -3.45
N TYR A 4 -6.18 -4.12 -4.71
CA TYR A 4 -5.25 -4.13 -5.84
C TYR A 4 -5.38 -2.92 -6.77
N PRO A 5 -6.57 -2.29 -6.88
CA PRO A 5 -6.76 -1.13 -7.75
C PRO A 5 -5.62 -0.12 -7.63
N LEU A 6 -4.95 -0.14 -6.48
CA LEU A 6 -3.83 0.76 -6.22
C LEU A 6 -4.08 2.17 -6.77
N ALA A 7 -4.83 2.96 -5.99
CA ALA A 7 -5.18 4.33 -6.37
C ALA A 7 -4.04 5.04 -7.10
N SER A 8 -3.08 5.52 -6.32
CA SER A 8 -1.93 6.23 -6.88
C SER A 8 -1.09 5.29 -7.74
N ASN A 9 -1.03 5.60 -9.04
CA ASN A 9 -0.25 4.79 -9.98
C ASN A 9 1.25 4.94 -9.70
N GLY A 10 1.67 4.44 -8.54
CA GLY A 10 3.07 4.52 -8.18
C GLY A 10 3.31 3.95 -6.79
N CYS A 11 2.37 4.17 -5.88
CA CYS A 11 2.50 3.66 -4.53
C CYS A 11 1.17 3.76 -3.77
N LYS A 12 0.87 2.73 -2.99
CA LYS A 12 -0.35 2.70 -2.20
C LYS A 12 0.00 2.96 -0.73
N PHE A 13 0.71 2.01 -0.14
CA PHE A 13 1.14 2.12 1.24
C PHE A 13 2.67 2.16 1.28
N GLY A 14 3.25 1.80 2.41
CA GLY A 14 4.71 1.80 2.51
C GLY A 14 5.35 0.79 1.58
N CYS A 15 6.47 0.21 2.01
CA CYS A 15 7.17 -0.79 1.21
C CYS A 15 7.95 -0.16 0.05
N SER A 16 7.99 1.17 0.01
CA SER A 16 8.72 1.88 -1.04
C SER A 16 10.23 1.62 -0.92
N GLY A 17 10.77 0.86 -1.87
CA GLY A 17 12.19 0.55 -1.85
C GLY A 17 13.05 1.79 -1.64
N LEU A 18 12.65 2.90 -2.25
CA LEU A 18 13.39 4.15 -2.12
C LEU A 18 13.26 4.72 -0.70
N GLY A 19 13.81 3.99 0.27
CA GLY A 19 13.75 4.44 1.64
C GLY A 19 12.91 3.51 2.51
N GLU A 20 13.56 2.88 3.49
CA GLU A 20 12.86 1.97 4.39
C GLU A 20 12.04 2.71 5.44
N ASN A 21 12.15 4.04 5.44
CA ASN A 21 11.41 4.86 6.40
C ASN A 21 9.93 4.99 6.00
N ASN A 22 9.24 3.86 5.96
CA ASN A 22 7.82 3.86 5.60
C ASN A 22 7.19 2.49 5.89
N PRO A 23 7.26 2.03 7.15
CA PRO A 23 6.69 0.75 7.55
C PRO A 23 5.22 0.88 7.97
N THR A 24 4.47 1.67 7.21
CA THR A 24 3.06 1.90 7.50
C THR A 24 2.19 0.76 6.98
N CYS A 25 2.52 0.24 5.80
CA CYS A 25 1.76 -0.84 5.20
C CYS A 25 1.41 -1.93 6.22
N ASN A 26 2.36 -2.24 7.09
CA ASN A 26 2.14 -3.26 8.11
C ASN A 26 0.97 -2.90 9.01
N HIS A 27 1.11 -1.79 9.73
CA HIS A 27 0.05 -1.33 10.62
C HIS A 27 -1.20 -0.92 9.85
N VAL A 28 -1.00 -0.13 8.80
CA VAL A 28 -2.11 0.34 7.96
C VAL A 28 -3.00 -0.81 7.53
N CYS A 29 -2.39 -1.86 6.98
CA CYS A 29 -3.14 -3.03 6.53
C CYS A 29 -3.94 -3.65 7.66
N GLU A 30 -3.30 -3.84 8.80
CA GLU A 30 -3.95 -4.44 9.96
C GLU A 30 -4.83 -3.42 10.70
N LYS A 31 -4.89 -2.19 10.20
CA LYS A 31 -5.70 -1.15 10.83
C LYS A 31 -7.04 -0.99 10.14
N LYS A 32 -7.03 -0.33 8.98
CA LYS A 32 -8.26 -0.10 8.22
C LYS A 32 -8.75 -1.39 7.57
N ALA A 33 -7.83 -2.28 7.24
CA ALA A 33 -8.19 -3.55 6.63
C ALA A 33 -8.24 -4.63 7.70
N GLY A 34 -7.78 -4.29 8.90
CA GLY A 34 -7.78 -5.21 10.01
C GLY A 34 -7.25 -6.58 9.64
N SER A 35 -6.40 -6.65 8.62
CA SER A 35 -5.82 -7.91 8.18
C SER A 35 -4.33 -7.78 7.92
N ASP A 36 -3.72 -8.85 7.42
CA ASP A 36 -2.29 -8.85 7.12
C ASP A 36 -2.03 -9.48 5.76
N TYR A 37 -2.98 -9.36 4.85
CA TYR A 37 -2.85 -9.93 3.51
C TYR A 37 -2.41 -8.87 2.51
N GLY A 38 -1.17 -8.99 2.04
CA GLY A 38 -0.65 -8.04 1.08
C GLY A 38 0.39 -8.66 0.16
N TYR A 39 1.00 -7.83 -0.68
CA TYR A 39 2.02 -8.29 -1.63
C TYR A 39 2.97 -7.15 -1.99
N CYS A 40 4.27 -7.42 -1.94
CA CYS A 40 5.27 -6.40 -2.27
C CYS A 40 6.20 -6.89 -3.37
N TYR A 41 6.41 -6.02 -4.36
CA TYR A 41 7.30 -6.33 -5.49
C TYR A 41 8.27 -5.19 -5.70
N ALA A 42 7.76 -4.08 -6.24
CA ALA A 42 8.58 -2.90 -6.47
C ALA A 42 8.42 -1.92 -5.32
N TRP A 43 8.45 -0.62 -5.61
CA TRP A 43 8.31 0.40 -4.58
C TRP A 43 6.83 0.65 -4.29
N THR A 44 6.21 -0.27 -3.55
CA THR A 44 4.80 -0.15 -3.21
C THR A 44 4.36 -1.34 -2.35
N CYS A 45 3.14 -1.28 -1.84
CA CYS A 45 2.62 -2.35 -1.00
C CYS A 45 1.17 -2.70 -1.35
N TYR A 46 0.92 -3.99 -1.56
CA TYR A 46 -0.42 -4.47 -1.89
C TYR A 46 -1.14 -4.91 -0.62
N CYS A 47 -2.47 -4.95 -0.67
CA CYS A 47 -3.24 -5.36 0.50
C CYS A 47 -4.64 -5.81 0.11
N GLU A 48 -5.37 -6.38 1.06
CA GLU A 48 -6.72 -6.84 0.83
C GLU A 48 -7.69 -6.18 1.81
N HIS A 49 -8.91 -5.91 1.35
CA HIS A 49 -9.92 -5.27 2.18
C HIS A 49 -9.54 -3.82 2.47
N VAL A 50 -8.96 -3.15 1.48
CA VAL A 50 -8.55 -1.76 1.63
C VAL A 50 -9.09 -0.89 0.50
N ALA A 51 -8.91 -1.39 -0.72
CA ALA A 51 -9.38 -0.68 -1.90
C ALA A 51 -10.90 -0.53 -1.90
N GLU A 52 -11.58 -1.40 -1.15
CA GLU A 52 -13.03 -1.36 -1.06
C GLU A 52 -13.51 -0.04 -0.46
N GLY A 53 -14.65 -0.08 0.21
CA GLY A 53 -15.22 1.11 0.82
C GLY A 53 -14.17 2.05 1.41
N THR A 54 -13.08 1.49 1.92
CA THR A 54 -12.01 2.30 2.50
C THR A 54 -11.46 3.28 1.47
N VAL A 55 -10.67 4.24 1.95
CA VAL A 55 -10.07 5.25 1.08
C VAL A 55 -8.56 5.17 1.09
N LEU A 56 -7.94 5.37 -0.08
CA LEU A 56 -6.50 5.32 -0.21
C LEU A 56 -6.02 6.32 -1.26
N TRP A 57 -4.90 6.97 -0.99
CA TRP A 57 -4.33 7.94 -1.93
C TRP A 57 -2.86 8.22 -1.61
N GLY A 58 -2.18 7.21 -1.06
CA GLY A 58 -0.77 7.38 -0.73
C GLY A 58 -0.53 7.51 0.77
N ASP A 59 0.23 6.58 1.34
CA ASP A 59 0.53 6.61 2.76
C ASP A 59 1.87 7.31 3.01
N SER A 60 2.85 6.58 3.54
CA SER A 60 4.16 7.16 3.82
C SER A 60 5.14 6.82 2.70
N GLY A 61 5.09 5.59 2.22
CA GLY A 61 5.98 5.16 1.15
C GLY A 61 5.70 5.88 -0.16
N THR A 62 4.51 6.46 -0.28
CA THR A 62 4.13 7.17 -1.49
C THR A 62 5.08 8.34 -1.77
N GLY A 63 4.74 9.15 -2.78
CA GLY A 63 5.58 10.28 -3.14
C GLY A 63 6.48 9.97 -4.31
N PRO A 64 7.78 9.74 -4.07
CA PRO A 64 8.73 9.40 -5.14
C PRO A 64 8.76 7.91 -5.42
N CYS A 65 7.61 7.27 -5.31
CA CYS A 65 7.48 5.83 -5.54
C CYS A 65 7.40 5.52 -7.03
N ARG A 66 6.83 4.35 -7.36
CA ARG A 66 6.70 3.95 -8.76
C ARG A 66 5.88 4.95 -9.55
N SER A 67 5.72 4.69 -10.84
CA SER A 67 4.96 5.57 -11.72
C SER A 67 4.26 4.78 -12.82
N ARG A 1 -13.54 -7.59 -1.49
CA ARG A 1 -12.84 -7.00 -2.66
C ARG A 1 -11.34 -6.89 -2.40
N ASP A 2 -10.55 -7.37 -3.36
CA ASP A 2 -9.09 -7.33 -3.24
C ASP A 2 -8.60 -5.90 -3.02
N GLY A 3 -7.29 -5.76 -2.86
CA GLY A 3 -6.72 -4.44 -2.65
C GLY A 3 -5.64 -4.12 -3.68
N TYR A 4 -6.01 -4.19 -4.95
CA TYR A 4 -5.08 -3.91 -6.03
C TYR A 4 -5.60 -2.81 -6.96
N PRO A 5 -6.30 -1.79 -6.42
CA PRO A 5 -6.83 -0.69 -7.23
C PRO A 5 -5.73 0.26 -7.68
N LEU A 6 -4.67 0.33 -6.88
CA LEU A 6 -3.52 1.19 -7.17
C LEU A 6 -3.98 2.56 -7.69
N ALA A 7 -4.45 3.41 -6.78
CA ALA A 7 -4.92 4.75 -7.13
C ALA A 7 -4.13 5.36 -8.28
N SER A 8 -3.00 5.95 -7.96
CA SER A 8 -2.15 6.55 -8.96
C SER A 8 -1.51 5.48 -9.83
N ASN A 9 -0.46 5.83 -10.56
CA ASN A 9 0.22 4.88 -11.43
C ASN A 9 0.97 3.83 -10.63
N GLY A 10 0.23 2.86 -10.09
CA GLY A 10 0.83 1.79 -9.32
C GLY A 10 1.45 2.25 -8.02
N CYS A 11 0.62 2.60 -7.05
CA CYS A 11 1.09 3.03 -5.75
C CYS A 11 -0.07 3.19 -4.77
N LYS A 12 -0.09 2.37 -3.73
CA LYS A 12 -1.15 2.43 -2.72
C LYS A 12 -0.61 2.88 -1.38
N PHE A 13 -0.02 1.93 -0.64
CA PHE A 13 0.54 2.23 0.68
C PHE A 13 2.08 2.29 0.61
N GLY A 14 2.75 2.02 1.73
CA GLY A 14 4.20 2.07 1.76
C GLY A 14 4.87 1.10 0.81
N CYS A 15 6.02 0.56 1.23
CA CYS A 15 6.80 -0.36 0.42
C CYS A 15 7.42 0.35 -0.78
N SER A 16 7.09 -0.07 -2.00
CA SER A 16 7.64 0.54 -3.20
C SER A 16 9.16 0.42 -3.23
N GLY A 17 9.70 -0.50 -2.42
CA GLY A 17 11.14 -0.71 -2.36
C GLY A 17 11.93 0.57 -2.43
N LEU A 18 12.49 0.87 -3.61
CA LEU A 18 13.29 2.07 -3.80
C LEU A 18 12.50 3.33 -3.43
N GLY A 19 12.49 3.65 -2.15
CA GLY A 19 11.77 4.83 -1.69
C GLY A 19 12.20 5.26 -0.30
N GLU A 20 11.40 6.13 0.32
CA GLU A 20 11.70 6.62 1.66
C GLU A 20 11.21 5.64 2.72
N ASN A 21 11.18 6.11 3.97
CA ASN A 21 10.74 5.28 5.08
C ASN A 21 9.24 5.08 5.04
N ASN A 22 8.80 4.09 4.28
CA ASN A 22 7.37 3.80 4.16
C ASN A 22 7.04 2.37 4.59
N PRO A 23 7.58 1.91 5.74
CA PRO A 23 7.34 0.56 6.24
C PRO A 23 6.01 0.45 7.00
N THR A 24 5.45 1.60 7.37
CA THR A 24 4.20 1.65 8.11
C THR A 24 3.06 0.92 7.38
N CYS A 25 3.23 0.71 6.07
CA CYS A 25 2.20 0.04 5.28
C CYS A 25 1.72 -1.24 5.96
N ASN A 26 2.61 -1.88 6.72
CA ASN A 26 2.26 -3.10 7.43
C ASN A 26 1.06 -2.89 8.35
N HIS A 27 1.24 -2.06 9.37
CA HIS A 27 0.17 -1.77 10.32
C HIS A 27 -1.03 -1.13 9.63
N VAL A 28 -0.75 -0.32 8.61
CA VAL A 28 -1.81 0.37 7.86
C VAL A 28 -2.93 -0.60 7.47
N CYS A 29 -2.62 -1.52 6.55
CA CYS A 29 -3.60 -2.49 6.08
C CYS A 29 -4.03 -3.42 7.22
N GLU A 30 -3.10 -3.69 8.13
CA GLU A 30 -3.38 -4.58 9.26
C GLU A 30 -4.17 -3.87 10.36
N LYS A 31 -4.50 -2.60 10.16
CA LYS A 31 -5.25 -1.84 11.16
C LYS A 31 -6.39 -1.04 10.53
N LYS A 32 -6.05 0.07 9.89
CA LYS A 32 -7.05 0.93 9.27
C LYS A 32 -7.83 0.21 8.18
N ALA A 33 -7.18 -0.74 7.53
CA ALA A 33 -7.83 -1.52 6.48
C ALA A 33 -8.33 -2.84 7.04
N GLY A 34 -7.96 -3.12 8.29
CA GLY A 34 -8.38 -4.34 8.95
C GLY A 34 -8.28 -5.57 8.06
N SER A 35 -7.10 -5.78 7.48
CA SER A 35 -6.89 -6.93 6.60
C SER A 35 -5.66 -7.72 7.03
N ASP A 36 -5.18 -8.60 6.15
CA ASP A 36 -4.02 -9.43 6.45
C ASP A 36 -3.33 -9.90 5.16
N TYR A 37 -4.13 -10.35 4.21
CA TYR A 37 -3.59 -10.83 2.93
C TYR A 37 -3.16 -9.69 2.04
N GLY A 38 -1.84 -9.54 1.88
CA GLY A 38 -1.31 -8.48 1.04
C GLY A 38 0.07 -8.81 0.48
N TYR A 39 0.47 -8.10 -0.57
CA TYR A 39 1.78 -8.32 -1.19
C TYR A 39 2.58 -7.03 -1.21
N CYS A 40 3.88 -7.14 -0.93
CA CYS A 40 4.75 -5.97 -0.92
C CYS A 40 5.93 -6.18 -1.88
N TYR A 41 6.21 -5.16 -2.68
CA TYR A 41 7.30 -5.22 -3.64
C TYR A 41 7.98 -3.85 -3.78
N ALA A 42 8.81 -3.71 -4.81
CA ALA A 42 9.51 -2.45 -5.04
C ALA A 42 8.56 -1.39 -5.61
N TRP A 43 7.32 -1.79 -5.87
CA TRP A 43 6.31 -0.88 -6.42
C TRP A 43 5.58 -0.15 -5.30
N THR A 44 4.96 -0.91 -4.42
CA THR A 44 4.21 -0.35 -3.30
C THR A 44 3.67 -1.47 -2.41
N CYS A 45 2.91 -1.09 -1.38
CA CYS A 45 2.34 -2.07 -0.47
C CYS A 45 0.90 -2.40 -0.85
N TYR A 46 0.73 -3.49 -1.58
CA TYR A 46 -0.58 -3.93 -2.00
C TYR A 46 -1.21 -4.77 -0.90
N CYS A 47 -2.53 -4.88 -0.90
CA CYS A 47 -3.21 -5.65 0.14
C CYS A 47 -4.55 -6.19 -0.36
N GLU A 48 -5.30 -6.79 0.55
CA GLU A 48 -6.61 -7.35 0.22
C GLU A 48 -7.65 -6.88 1.23
N HIS A 49 -8.91 -6.85 0.81
CA HIS A 49 -10.00 -6.42 1.67
C HIS A 49 -9.82 -4.95 2.10
N VAL A 50 -9.11 -4.19 1.27
CA VAL A 50 -8.86 -2.78 1.55
C VAL A 50 -9.60 -1.89 0.56
N ALA A 51 -9.59 -2.30 -0.70
CA ALA A 51 -10.26 -1.56 -1.75
C ALA A 51 -11.77 -1.79 -1.72
N GLU A 52 -12.22 -2.71 -0.87
CA GLU A 52 -13.63 -3.01 -0.74
C GLU A 52 -14.37 -1.85 -0.09
N GLY A 53 -14.44 -0.73 -0.81
CA GLY A 53 -15.12 0.45 -0.29
C GLY A 53 -14.18 1.63 -0.10
N THR A 54 -12.95 1.34 0.31
CA THR A 54 -11.95 2.37 0.53
C THR A 54 -11.41 2.90 -0.79
N VAL A 55 -10.61 3.95 -0.73
CA VAL A 55 -10.03 4.55 -1.93
C VAL A 55 -8.67 5.17 -1.65
N LEU A 56 -7.62 4.54 -2.15
CA LEU A 56 -6.26 5.03 -1.97
C LEU A 56 -6.02 6.26 -2.83
N TRP A 57 -4.96 7.01 -2.53
CA TRP A 57 -4.62 8.20 -3.28
C TRP A 57 -3.22 8.69 -2.92
N GLY A 58 -2.28 7.76 -2.79
CA GLY A 58 -0.91 8.11 -2.46
C GLY A 58 -0.65 8.16 -0.96
N ASP A 59 -0.01 7.11 -0.45
CA ASP A 59 0.31 7.03 0.98
C ASP A 59 1.73 7.55 1.24
N SER A 60 2.64 6.66 1.65
CA SER A 60 4.02 7.04 1.93
C SER A 60 4.95 6.62 0.78
N GLY A 61 4.78 5.39 0.29
CA GLY A 61 5.61 4.91 -0.79
C GLY A 61 5.01 5.16 -2.16
N THR A 62 4.25 6.25 -2.27
CA THR A 62 3.62 6.61 -3.54
C THR A 62 4.51 7.53 -4.37
N GLY A 63 4.28 8.84 -4.32
CA GLY A 63 5.08 9.77 -5.09
C GLY A 63 5.08 9.43 -6.57
N PRO A 64 6.22 8.96 -7.11
CA PRO A 64 6.31 8.60 -8.53
C PRO A 64 5.63 7.27 -8.82
N CYS A 65 5.40 6.48 -7.77
CA CYS A 65 4.76 5.18 -7.90
C CYS A 65 5.59 4.24 -8.77
N ARG A 66 5.91 3.07 -8.23
CA ARG A 66 6.71 2.09 -8.95
C ARG A 66 8.02 2.70 -9.44
N SER A 67 8.82 1.89 -10.13
CA SER A 67 10.10 2.35 -10.66
C SER A 67 9.90 3.36 -11.78
N ARG A 1 -13.49 -8.91 -0.58
CA ARG A 1 -12.89 -7.75 -1.29
C ARG A 1 -11.38 -7.72 -1.13
N ASP A 2 -10.68 -7.66 -2.26
CA ASP A 2 -9.22 -7.62 -2.24
C ASP A 2 -8.73 -6.19 -2.45
N GLY A 3 -7.42 -5.99 -2.33
CA GLY A 3 -6.86 -4.67 -2.52
C GLY A 3 -5.79 -4.62 -3.59
N TYR A 4 -6.22 -4.67 -4.84
CA TYR A 4 -5.28 -4.65 -5.97
C TYR A 4 -5.52 -3.48 -6.95
N PRO A 5 -6.73 -2.90 -7.01
CA PRO A 5 -7.00 -1.78 -7.92
C PRO A 5 -5.90 -0.73 -7.89
N LEU A 6 -5.18 -0.67 -6.77
CA LEU A 6 -4.08 0.28 -6.60
C LEU A 6 -4.47 1.67 -7.10
N ALA A 7 -5.46 2.26 -6.42
CA ALA A 7 -5.96 3.59 -6.76
C ALA A 7 -4.87 4.48 -7.35
N SER A 8 -3.92 4.86 -6.51
CA SER A 8 -2.81 5.69 -6.93
C SER A 8 -2.04 5.00 -8.06
N ASN A 9 -2.02 5.64 -9.22
CA ASN A 9 -1.33 5.07 -10.37
C ASN A 9 0.14 4.84 -10.07
N GLY A 10 0.44 3.67 -9.52
CA GLY A 10 1.81 3.33 -9.19
C GLY A 10 1.93 2.67 -7.83
N CYS A 11 1.46 3.36 -6.79
CA CYS A 11 1.53 2.81 -5.44
C CYS A 11 0.37 3.31 -4.58
N LYS A 12 -0.32 2.39 -3.93
CA LYS A 12 -1.46 2.72 -3.08
C LYS A 12 -1.03 2.90 -1.63
N PHE A 13 -0.26 1.94 -1.12
CA PHE A 13 0.21 1.99 0.25
C PHE A 13 1.73 2.24 0.28
N GLY A 14 2.35 2.02 1.44
CA GLY A 14 3.77 2.23 1.56
C GLY A 14 4.58 1.43 0.57
N CYS A 15 5.79 1.04 0.97
CA CYS A 15 6.68 0.26 0.12
C CYS A 15 7.13 1.04 -1.12
N SER A 16 6.85 2.35 -1.14
CA SER A 16 7.25 3.19 -2.27
C SER A 16 8.75 3.42 -2.25
N GLY A 17 9.20 4.33 -1.40
CA GLY A 17 10.62 4.62 -1.31
C GLY A 17 11.42 3.42 -0.82
N LEU A 18 12.53 3.14 -1.52
CA LEU A 18 13.37 2.01 -1.15
C LEU A 18 13.95 2.19 0.25
N GLY A 19 13.16 1.82 1.26
CA GLY A 19 13.60 1.94 2.63
C GLY A 19 12.45 2.07 3.61
N GLU A 20 12.67 2.80 4.69
CA GLU A 20 11.65 3.00 5.72
C GLU A 20 10.68 4.13 5.35
N ASN A 21 10.50 4.37 4.06
CA ASN A 21 9.61 5.43 3.60
C ASN A 21 8.16 5.17 4.02
N ASN A 22 7.89 3.94 4.40
CA ASN A 22 6.55 3.56 4.84
C ASN A 22 6.49 2.07 5.21
N PRO A 23 7.21 1.67 6.26
CA PRO A 23 7.23 0.27 6.71
C PRO A 23 5.95 -0.11 7.47
N THR A 24 5.08 0.87 7.66
CA THR A 24 3.82 0.65 8.37
C THR A 24 2.79 -0.05 7.47
N CYS A 25 3.14 -0.26 6.20
CA CYS A 25 2.25 -0.91 5.25
C CYS A 25 1.53 -2.10 5.88
N ASN A 26 2.28 -2.92 6.61
CA ASN A 26 1.71 -4.08 7.28
C ASN A 26 0.68 -3.64 8.31
N HIS A 27 1.06 -2.65 9.12
CA HIS A 27 0.16 -2.13 10.15
C HIS A 27 -1.05 -1.47 9.53
N VAL A 28 -0.82 -0.58 8.55
CA VAL A 28 -1.91 0.12 7.87
C VAL A 28 -2.94 -0.87 7.33
N CYS A 29 -2.46 -1.91 6.66
CA CYS A 29 -3.35 -2.93 6.10
C CYS A 29 -4.29 -3.48 7.17
N GLU A 30 -3.71 -3.92 8.28
CA GLU A 30 -4.50 -4.45 9.38
C GLU A 30 -5.13 -3.33 10.20
N LYS A 31 -4.65 -2.10 9.98
CA LYS A 31 -5.17 -0.94 10.70
C LYS A 31 -6.64 -0.74 10.41
N LYS A 32 -6.97 -0.45 9.15
CA LYS A 32 -8.36 -0.24 8.76
C LYS A 32 -8.75 -1.05 7.53
N ALA A 33 -7.83 -1.85 7.01
CA ALA A 33 -8.12 -2.67 5.83
C ALA A 33 -8.47 -4.09 6.24
N GLY A 34 -8.95 -4.25 7.48
CA GLY A 34 -9.34 -5.55 7.97
C GLY A 34 -8.21 -6.26 8.70
N SER A 35 -7.27 -6.82 7.94
CA SER A 35 -6.14 -7.54 8.52
C SER A 35 -4.83 -7.15 7.84
N ASP A 36 -3.74 -7.80 8.24
CA ASP A 36 -2.44 -7.52 7.66
C ASP A 36 -2.21 -8.35 6.40
N TYR A 37 -3.13 -8.22 5.44
CA TYR A 37 -3.02 -8.94 4.18
C TYR A 37 -2.59 -8.01 3.06
N GLY A 38 -1.32 -8.09 2.68
CA GLY A 38 -0.80 -7.24 1.63
C GLY A 38 0.21 -7.95 0.74
N TYR A 39 0.89 -7.17 -0.11
CA TYR A 39 1.89 -7.72 -1.02
C TYR A 39 2.83 -6.61 -1.49
N CYS A 40 4.14 -6.86 -1.41
CA CYS A 40 5.12 -5.87 -1.84
C CYS A 40 6.13 -6.47 -2.80
N TYR A 41 6.34 -5.79 -3.93
CA TYR A 41 7.30 -6.24 -4.93
C TYR A 41 8.31 -5.14 -5.21
N ALA A 42 7.87 -4.12 -5.95
CA ALA A 42 8.73 -2.99 -6.27
C ALA A 42 8.46 -1.85 -5.30
N TRP A 43 8.58 -0.61 -5.77
CA TRP A 43 8.34 0.55 -4.92
C TRP A 43 6.84 0.80 -4.77
N THR A 44 6.16 -0.12 -4.10
CA THR A 44 4.72 -0.02 -3.88
C THR A 44 4.22 -1.16 -2.99
N CYS A 45 3.08 -0.96 -2.33
CA CYS A 45 2.52 -1.98 -1.45
C CYS A 45 1.12 -2.40 -1.89
N TYR A 46 0.76 -3.62 -1.52
CA TYR A 46 -0.54 -4.19 -1.84
C TYR A 46 -1.32 -4.44 -0.55
N CYS A 47 -2.64 -4.58 -0.66
CA CYS A 47 -3.46 -4.83 0.51
C CYS A 47 -4.71 -5.63 0.16
N GLU A 48 -5.46 -6.03 1.18
CA GLU A 48 -6.67 -6.81 0.98
C GLU A 48 -7.81 -6.25 1.84
N HIS A 49 -9.04 -6.36 1.33
CA HIS A 49 -10.21 -5.88 2.05
C HIS A 49 -10.21 -4.35 2.13
N VAL A 50 -9.63 -3.70 1.12
CA VAL A 50 -9.56 -2.24 1.09
C VAL A 50 -10.29 -1.69 -0.13
N ALA A 51 -10.43 -2.51 -1.16
CA ALA A 51 -11.10 -2.09 -2.39
C ALA A 51 -12.56 -1.74 -2.12
N GLU A 52 -13.38 -2.76 -1.91
CA GLU A 52 -14.80 -2.57 -1.64
C GLU A 52 -15.06 -2.28 -0.17
N GLY A 53 -14.08 -1.67 0.50
CA GLY A 53 -14.22 -1.34 1.90
C GLY A 53 -13.79 0.08 2.21
N THR A 54 -12.54 0.23 2.62
CA THR A 54 -11.99 1.55 2.95
C THR A 54 -11.42 2.23 1.70
N VAL A 55 -10.80 3.39 1.90
CA VAL A 55 -10.21 4.13 0.79
C VAL A 55 -8.69 4.07 0.85
N LEU A 56 -8.06 3.84 -0.30
CA LEU A 56 -6.61 3.75 -0.38
C LEU A 56 -6.08 4.61 -1.53
N TRP A 57 -6.30 5.92 -1.45
CA TRP A 57 -5.84 6.83 -2.48
C TRP A 57 -4.36 7.15 -2.33
N GLY A 58 -3.82 6.97 -1.13
CA GLY A 58 -2.41 7.24 -0.91
C GLY A 58 -2.02 7.24 0.56
N ASP A 59 -1.10 6.34 0.91
CA ASP A 59 -0.62 6.24 2.29
C ASP A 59 0.66 7.07 2.45
N SER A 60 1.58 6.61 3.29
CA SER A 60 2.83 7.33 3.50
C SER A 60 3.77 7.12 2.32
N GLY A 61 3.54 6.06 1.55
CA GLY A 61 4.37 5.77 0.40
C GLY A 61 3.86 6.42 -0.87
N THR A 62 2.65 6.98 -0.81
CA THR A 62 2.06 7.63 -1.98
C THR A 62 2.92 8.80 -2.44
N GLY A 63 2.46 9.48 -3.49
CA GLY A 63 3.20 10.61 -4.02
C GLY A 63 3.84 10.28 -5.35
N PRO A 64 5.10 9.81 -5.36
CA PRO A 64 5.81 9.46 -6.58
C PRO A 64 5.37 8.09 -7.12
N CYS A 65 5.27 7.11 -6.23
CA CYS A 65 4.86 5.76 -6.61
C CYS A 65 5.63 5.28 -7.84
N ARG A 66 5.20 4.15 -8.40
CA ARG A 66 5.85 3.59 -9.57
C ARG A 66 5.88 4.61 -10.71
N SER A 67 4.71 5.01 -11.18
CA SER A 67 4.60 5.97 -12.26
C SER A 67 3.88 7.24 -11.79
N ARG A 1 -13.42 -6.41 0.38
CA ARG A 1 -12.85 -6.65 -0.98
C ARG A 1 -11.33 -6.75 -0.93
N ASP A 2 -10.70 -6.67 -2.10
CA ASP A 2 -9.25 -6.74 -2.19
C ASP A 2 -8.65 -5.35 -2.42
N GLY A 3 -7.34 -5.25 -2.26
CA GLY A 3 -6.67 -3.98 -2.45
C GLY A 3 -5.54 -4.08 -3.47
N TYR A 4 -5.92 -4.27 -4.72
CA TYR A 4 -4.95 -4.41 -5.81
C TYR A 4 -5.15 -3.36 -6.92
N PRO A 5 -6.36 -2.80 -7.11
CA PRO A 5 -6.60 -1.79 -8.15
C PRO A 5 -5.53 -0.69 -8.17
N LEU A 6 -4.76 -0.59 -7.08
CA LEU A 6 -3.70 0.40 -6.95
C LEU A 6 -4.16 1.77 -7.43
N ALA A 7 -4.67 2.57 -6.50
CA ALA A 7 -5.16 3.92 -6.80
C ALA A 7 -4.21 4.65 -7.73
N SER A 8 -3.06 5.01 -7.19
CA SER A 8 -2.04 5.71 -7.94
C SER A 8 -1.60 4.87 -9.14
N ASN A 9 -0.48 5.23 -9.71
CA ASN A 9 0.05 4.51 -10.87
C ASN A 9 0.95 3.35 -10.44
N GLY A 10 1.83 3.63 -9.50
CA GLY A 10 2.74 2.60 -9.03
C GLY A 10 3.11 2.76 -7.57
N CYS A 11 2.10 2.98 -6.72
CA CYS A 11 2.33 3.15 -5.29
C CYS A 11 1.03 3.36 -4.54
N LYS A 12 0.73 2.46 -3.60
CA LYS A 12 -0.49 2.55 -2.80
C LYS A 12 -0.16 3.01 -1.38
N PHE A 13 0.36 2.10 -0.58
CA PHE A 13 0.73 2.41 0.80
C PHE A 13 2.25 2.52 0.92
N GLY A 14 2.79 2.26 2.12
CA GLY A 14 4.23 2.36 2.30
C GLY A 14 4.96 1.05 2.09
N CYS A 15 5.82 1.03 1.07
CA CYS A 15 6.60 -0.16 0.74
C CYS A 15 7.54 0.12 -0.42
N SER A 16 7.90 1.39 -0.59
CA SER A 16 8.80 1.80 -1.66
C SER A 16 10.22 1.37 -1.36
N GLY A 17 10.89 0.78 -2.36
CA GLY A 17 12.25 0.33 -2.18
C GLY A 17 12.36 -0.76 -1.13
N LEU A 18 13.09 -1.83 -1.46
CA LEU A 18 13.26 -2.94 -0.54
C LEU A 18 14.27 -2.59 0.55
N GLY A 19 13.92 -1.64 1.40
CA GLY A 19 14.80 -1.23 2.46
C GLY A 19 14.49 0.17 2.99
N GLU A 20 13.89 1.00 2.13
CA GLU A 20 13.55 2.36 2.52
C GLU A 20 12.62 2.37 3.73
N ASN A 21 12.21 3.56 4.16
CA ASN A 21 11.33 3.70 5.30
C ASN A 21 9.86 3.49 4.89
N ASN A 22 8.96 4.35 5.37
CA ASN A 22 7.55 4.23 5.04
C ASN A 22 6.98 2.89 5.52
N PRO A 23 7.16 2.56 6.81
CA PRO A 23 6.68 1.31 7.39
C PRO A 23 5.24 1.43 7.90
N THR A 24 4.47 2.32 7.30
CA THR A 24 3.08 2.53 7.71
C THR A 24 2.16 1.48 7.11
N CYS A 25 2.55 0.90 5.98
CA CYS A 25 1.73 -0.11 5.32
C CYS A 25 1.42 -1.28 6.25
N ASN A 26 2.45 -1.81 6.91
CA ASN A 26 2.26 -2.93 7.82
C ASN A 26 1.11 -2.62 8.79
N HIS A 27 1.11 -1.42 9.34
CA HIS A 27 0.07 -1.01 10.27
C HIS A 27 -1.24 -0.75 9.52
N VAL A 28 -1.20 0.22 8.60
CA VAL A 28 -2.38 0.57 7.81
C VAL A 28 -3.05 -0.67 7.23
N CYS A 29 -2.26 -1.54 6.62
CA CYS A 29 -2.78 -2.77 6.02
C CYS A 29 -3.35 -3.71 7.08
N GLU A 30 -2.56 -3.98 8.12
CA GLU A 30 -2.97 -4.87 9.20
C GLU A 30 -3.92 -4.18 10.19
N LYS A 31 -4.30 -2.94 9.91
CA LYS A 31 -5.20 -2.20 10.80
C LYS A 31 -6.58 -2.05 10.19
N LYS A 32 -6.71 -1.15 9.23
CA LYS A 32 -7.99 -0.90 8.58
C LYS A 32 -8.34 -2.01 7.61
N ALA A 33 -7.33 -2.56 6.95
CA ALA A 33 -7.54 -3.64 6.01
C ALA A 33 -7.25 -4.99 6.67
N GLY A 34 -7.08 -4.95 7.99
CA GLY A 34 -6.80 -6.15 8.74
C GLY A 34 -5.57 -6.87 8.23
N SER A 35 -5.10 -7.85 9.00
CA SER A 35 -3.92 -8.62 8.61
C SER A 35 -4.32 -10.00 8.11
N ASP A 36 -4.19 -10.21 6.79
CA ASP A 36 -4.54 -11.49 6.18
C ASP A 36 -4.00 -11.58 4.76
N TYR A 37 -4.61 -10.81 3.86
CA TYR A 37 -4.20 -10.81 2.45
C TYR A 37 -3.43 -9.54 2.09
N GLY A 38 -2.12 -9.68 1.94
CA GLY A 38 -1.29 -8.54 1.59
C GLY A 38 -0.03 -8.97 0.86
N TYR A 39 0.61 -8.05 0.14
CA TYR A 39 1.83 -8.38 -0.59
C TYR A 39 2.62 -7.14 -0.99
N CYS A 40 3.89 -7.36 -1.31
CA CYS A 40 4.77 -6.28 -1.74
C CYS A 40 5.69 -6.78 -2.85
N TYR A 41 5.97 -5.92 -3.82
CA TYR A 41 6.83 -6.29 -4.94
C TYR A 41 8.02 -5.33 -5.05
N ALA A 42 7.89 -4.30 -5.88
CA ALA A 42 8.96 -3.32 -6.03
C ALA A 42 8.71 -2.10 -5.14
N TRP A 43 8.62 -0.91 -5.74
CA TRP A 43 8.37 0.31 -4.98
C TRP A 43 6.88 0.56 -4.81
N THR A 44 6.24 -0.20 -3.92
CA THR A 44 4.81 -0.05 -3.67
C THR A 44 4.28 -1.14 -2.74
N CYS A 45 3.19 -0.85 -2.03
CA CYS A 45 2.59 -1.81 -1.10
C CYS A 45 1.19 -2.21 -1.53
N TYR A 46 0.88 -3.49 -1.37
CA TYR A 46 -0.44 -4.02 -1.72
C TYR A 46 -1.13 -4.54 -0.46
N CYS A 47 -2.45 -4.51 -0.45
CA CYS A 47 -3.20 -4.98 0.71
C CYS A 47 -4.59 -5.47 0.31
N GLU A 48 -5.27 -6.16 1.22
CA GLU A 48 -6.61 -6.67 0.96
C GLU A 48 -7.64 -5.93 1.80
N HIS A 49 -8.77 -5.60 1.19
CA HIS A 49 -9.84 -4.88 1.87
C HIS A 49 -9.48 -3.42 2.08
N VAL A 50 -9.32 -2.70 0.97
CA VAL A 50 -8.98 -1.28 1.02
C VAL A 50 -9.49 -0.54 -0.22
N ALA A 51 -9.39 -1.20 -1.36
CA ALA A 51 -9.84 -0.62 -2.61
C ALA A 51 -11.35 -0.45 -2.64
N GLU A 52 -12.06 -1.56 -2.75
CA GLU A 52 -13.52 -1.54 -2.78
C GLU A 52 -14.12 -1.50 -1.37
N GLY A 53 -13.38 -0.91 -0.44
CA GLY A 53 -13.85 -0.81 0.93
C GLY A 53 -13.43 0.50 1.59
N THR A 54 -12.17 0.57 1.99
CA THR A 54 -11.64 1.77 2.63
C THR A 54 -11.11 2.76 1.59
N VAL A 55 -10.36 3.76 2.05
CA VAL A 55 -9.80 4.76 1.15
C VAL A 55 -8.46 4.31 0.60
N LEU A 56 -7.98 5.00 -0.43
CA LEU A 56 -6.70 4.67 -1.05
C LEU A 56 -6.27 5.75 -2.03
N TRP A 57 -5.19 6.44 -1.71
CA TRP A 57 -4.67 7.50 -2.57
C TRP A 57 -3.23 7.86 -2.20
N GLY A 58 -2.49 6.89 -1.70
CA GLY A 58 -1.11 7.12 -1.31
C GLY A 58 -0.94 7.31 0.19
N ASP A 59 -0.17 6.41 0.80
CA ASP A 59 0.06 6.48 2.25
C ASP A 59 1.36 7.24 2.54
N SER A 60 2.34 6.58 3.16
CA SER A 60 3.60 7.22 3.49
C SER A 60 4.62 7.00 2.38
N GLY A 61 4.72 5.77 1.90
CA GLY A 61 5.66 5.45 0.84
C GLY A 61 5.10 5.73 -0.54
N THR A 62 3.92 6.36 -0.60
CA THR A 62 3.27 6.66 -1.87
C THR A 62 4.15 7.59 -2.72
N GLY A 63 3.56 8.09 -3.80
CA GLY A 63 4.29 8.99 -4.69
C GLY A 63 4.57 8.34 -6.04
N PRO A 64 5.55 8.88 -6.79
CA PRO A 64 5.92 8.35 -8.11
C PRO A 64 6.86 7.16 -8.03
N CYS A 65 6.57 6.25 -7.10
CA CYS A 65 7.40 5.07 -6.91
C CYS A 65 7.51 4.26 -8.19
N ARG A 66 6.47 3.49 -8.50
CA ARG A 66 6.46 2.66 -9.71
C ARG A 66 5.68 3.34 -10.82
N SER A 67 5.89 2.89 -12.06
CA SER A 67 5.20 3.45 -13.21
C SER A 67 4.69 2.35 -14.13
N ARG A 1 -13.63 -6.54 -0.60
CA ARG A 1 -12.92 -6.09 -1.81
C ARG A 1 -11.41 -6.20 -1.65
N ASP A 2 -10.75 -6.84 -2.61
CA ASP A 2 -9.29 -7.01 -2.57
C ASP A 2 -8.61 -5.66 -2.40
N GLY A 3 -7.28 -5.67 -2.35
CA GLY A 3 -6.54 -4.43 -2.19
C GLY A 3 -5.52 -4.20 -3.28
N TYR A 4 -6.00 -4.12 -4.52
CA TYR A 4 -5.11 -3.89 -5.66
C TYR A 4 -5.49 -2.66 -6.48
N PRO A 5 -6.49 -1.84 -6.06
CA PRO A 5 -6.87 -0.63 -6.82
C PRO A 5 -5.65 0.13 -7.31
N LEU A 6 -4.53 -0.01 -6.59
CA LEU A 6 -3.28 0.65 -6.94
C LEU A 6 -3.53 2.13 -7.29
N ALA A 7 -4.58 2.69 -6.70
CA ALA A 7 -4.96 4.10 -6.89
C ALA A 7 -4.51 4.62 -8.27
N SER A 8 -3.60 5.61 -8.27
CA SER A 8 -3.10 6.18 -9.51
C SER A 8 -2.44 5.10 -10.36
N ASN A 9 -1.11 5.11 -10.45
CA ASN A 9 -0.39 4.11 -11.23
C ASN A 9 -0.05 2.93 -10.34
N GLY A 10 0.95 2.15 -10.72
CA GLY A 10 1.35 1.01 -9.91
C GLY A 10 1.80 1.42 -8.52
N CYS A 11 0.85 1.81 -7.68
CA CYS A 11 1.16 2.25 -6.33
C CYS A 11 -0.08 2.16 -5.43
N LYS A 12 0.05 1.45 -4.32
CA LYS A 12 -1.06 1.30 -3.38
C LYS A 12 -0.72 1.86 -1.99
N PHE A 13 0.03 1.07 -1.22
CA PHE A 13 0.43 1.49 0.13
C PHE A 13 1.93 1.66 0.25
N GLY A 14 2.44 1.71 1.48
CA GLY A 14 3.86 1.89 1.70
C GLY A 14 4.71 0.79 1.09
N CYS A 15 5.75 0.37 1.81
CA CYS A 15 6.66 -0.68 1.35
C CYS A 15 7.28 -0.29 0.01
N SER A 16 8.45 -0.85 -0.28
CA SER A 16 9.14 -0.53 -1.53
C SER A 16 10.31 -1.49 -1.77
N GLY A 17 10.19 -2.72 -1.26
CA GLY A 17 11.25 -3.70 -1.43
C GLY A 17 12.61 -3.17 -0.99
N LEU A 18 13.35 -2.60 -1.93
CA LEU A 18 14.67 -2.05 -1.64
C LEU A 18 14.55 -0.70 -0.93
N GLY A 19 14.50 -0.74 0.39
CA GLY A 19 14.38 0.48 1.17
C GLY A 19 12.94 0.88 1.40
N GLU A 20 12.36 0.39 2.49
CA GLU A 20 10.97 0.69 2.82
C GLU A 20 10.82 2.12 3.30
N ASN A 21 10.38 3.01 2.40
CA ASN A 21 10.19 4.42 2.74
C ASN A 21 8.85 4.64 3.45
N ASN A 22 8.10 3.57 3.64
CA ASN A 22 6.80 3.65 4.30
C ASN A 22 6.40 2.30 4.88
N PRO A 23 7.19 1.78 5.85
CA PRO A 23 6.92 0.48 6.48
C PRO A 23 5.54 0.43 7.14
N THR A 24 4.93 1.60 7.33
CA THR A 24 3.61 1.68 7.95
C THR A 24 2.60 0.78 7.25
N CYS A 25 2.87 0.43 5.99
CA CYS A 25 1.97 -0.43 5.22
C CYS A 25 1.48 -1.61 6.05
N ASN A 26 2.34 -2.10 6.95
CA ASN A 26 1.99 -3.22 7.80
C ASN A 26 0.91 -2.83 8.80
N HIS A 27 1.14 -1.72 9.51
CA HIS A 27 0.19 -1.23 10.49
C HIS A 27 -1.04 -0.63 9.82
N VAL A 28 -0.82 0.19 8.80
CA VAL A 28 -1.90 0.83 8.06
C VAL A 28 -2.89 -0.20 7.54
N CYS A 29 -2.38 -1.28 6.96
CA CYS A 29 -3.24 -2.34 6.43
C CYS A 29 -3.97 -3.04 7.55
N GLU A 30 -3.25 -3.40 8.60
CA GLU A 30 -3.82 -4.09 9.75
C GLU A 30 -4.57 -3.13 10.67
N LYS A 31 -4.61 -1.85 10.30
CA LYS A 31 -5.29 -0.84 11.11
C LYS A 31 -6.73 -0.62 10.65
N LYS A 32 -6.89 -0.24 9.39
CA LYS A 32 -8.21 0.03 8.83
C LYS A 32 -8.63 -1.04 7.82
N ALA A 33 -7.65 -1.57 7.09
CA ALA A 33 -7.94 -2.60 6.09
C ALA A 33 -7.68 -3.99 6.66
N GLY A 34 -7.57 -4.05 7.98
CA GLY A 34 -7.32 -5.31 8.65
C GLY A 34 -6.15 -6.07 8.06
N SER A 35 -5.84 -7.23 8.66
CA SER A 35 -4.73 -8.06 8.19
C SER A 35 -5.25 -9.34 7.56
N ASP A 36 -4.87 -9.58 6.31
CA ASP A 36 -5.29 -10.79 5.59
C ASP A 36 -4.30 -11.12 4.47
N TYR A 37 -4.57 -10.63 3.26
CA TYR A 37 -3.70 -10.88 2.12
C TYR A 37 -2.89 -9.65 1.75
N GLY A 38 -1.67 -9.87 1.26
CA GLY A 38 -0.81 -8.77 0.87
C GLY A 38 0.20 -9.17 -0.18
N TYR A 39 1.03 -8.22 -0.61
CA TYR A 39 2.05 -8.48 -1.63
C TYR A 39 2.86 -7.23 -1.92
N CYS A 40 4.17 -7.32 -1.74
CA CYS A 40 5.06 -6.19 -2.00
C CYS A 40 6.15 -6.58 -2.99
N TYR A 41 6.39 -5.72 -3.97
CA TYR A 41 7.39 -5.97 -4.98
C TYR A 41 8.39 -4.81 -4.98
N ALA A 42 8.14 -3.79 -5.79
CA ALA A 42 9.01 -2.63 -5.83
C ALA A 42 8.43 -1.54 -4.93
N TRP A 43 8.58 -0.28 -5.31
CA TRP A 43 8.04 0.82 -4.51
C TRP A 43 6.52 0.79 -4.48
N THR A 44 5.95 -0.20 -3.77
CA THR A 44 4.50 -0.35 -3.67
C THR A 44 4.12 -1.28 -2.52
N CYS A 45 2.82 -1.55 -2.40
CA CYS A 45 2.30 -2.43 -1.35
C CYS A 45 0.92 -2.98 -1.74
N TYR A 46 0.73 -4.26 -1.50
CA TYR A 46 -0.55 -4.91 -1.80
C TYR A 46 -1.21 -5.39 -0.53
N CYS A 47 -2.54 -5.39 -0.52
CA CYS A 47 -3.28 -5.84 0.64
C CYS A 47 -4.66 -6.35 0.26
N GLU A 48 -5.40 -6.85 1.25
CA GLU A 48 -6.74 -7.36 1.02
C GLU A 48 -7.75 -6.62 1.90
N HIS A 49 -8.97 -6.47 1.39
CA HIS A 49 -10.03 -5.78 2.13
C HIS A 49 -9.69 -4.30 2.31
N VAL A 50 -8.97 -3.74 1.34
CA VAL A 50 -8.58 -2.33 1.39
C VAL A 50 -9.33 -1.52 0.34
N ALA A 51 -9.85 -2.20 -0.67
CA ALA A 51 -10.59 -1.53 -1.74
C ALA A 51 -12.09 -1.48 -1.43
N GLU A 52 -12.44 -1.70 -0.16
CA GLU A 52 -13.84 -1.67 0.25
C GLU A 52 -14.28 -0.24 0.54
N GLY A 53 -14.11 0.64 -0.44
CA GLY A 53 -14.50 2.04 -0.28
C GLY A 53 -13.36 2.91 0.21
N THR A 54 -12.34 2.30 0.80
CA THR A 54 -11.19 3.03 1.30
C THR A 54 -10.52 3.86 0.20
N VAL A 55 -9.42 4.51 0.54
CA VAL A 55 -8.69 5.33 -0.41
C VAL A 55 -7.19 5.36 -0.10
N LEU A 56 -6.37 5.42 -1.15
CA LEU A 56 -4.93 5.46 -0.98
C LEU A 56 -4.34 6.68 -1.67
N TRP A 57 -4.35 6.65 -2.98
CA TRP A 57 -3.84 7.75 -3.80
C TRP A 57 -2.36 7.98 -3.55
N GLY A 58 -1.54 7.00 -3.93
CA GLY A 58 -0.10 7.11 -3.75
C GLY A 58 0.30 7.33 -2.31
N ASP A 59 0.99 6.35 -1.73
CA ASP A 59 1.43 6.45 -0.35
C ASP A 59 2.85 7.03 -0.26
N SER A 60 3.50 6.87 0.88
CA SER A 60 4.86 7.38 1.08
C SER A 60 5.89 6.49 0.41
N GLY A 61 5.72 5.19 0.57
CA GLY A 61 6.65 4.24 -0.02
C GLY A 61 6.42 4.07 -1.51
N THR A 62 5.27 4.52 -1.99
CA THR A 62 4.94 4.42 -3.40
C THR A 62 5.68 5.47 -4.21
N GLY A 63 5.48 6.73 -3.83
CA GLY A 63 6.14 7.83 -4.52
C GLY A 63 5.95 7.76 -6.03
N PRO A 64 7.01 7.40 -6.78
CA PRO A 64 6.94 7.30 -8.24
C PRO A 64 6.16 6.06 -8.70
N CYS A 65 5.72 5.24 -7.74
CA CYS A 65 4.97 4.03 -8.04
C CYS A 65 5.87 2.98 -8.71
N ARG A 66 5.47 1.73 -8.60
CA ARG A 66 6.22 0.62 -9.19
C ARG A 66 6.46 0.85 -10.68
N SER A 67 7.10 -0.11 -11.33
CA SER A 67 7.39 -0.01 -12.76
C SER A 67 6.15 -0.33 -13.59
N ARG A 1 -12.59 -4.49 -2.38
CA ARG A 1 -11.55 -3.68 -1.68
C ARG A 1 -10.34 -4.53 -1.29
N ASP A 2 -10.33 -5.78 -1.73
CA ASP A 2 -9.23 -6.68 -1.43
C ASP A 2 -8.39 -6.95 -2.66
N GLY A 3 -7.59 -5.96 -3.06
CA GLY A 3 -6.74 -6.10 -4.22
C GLY A 3 -5.54 -5.19 -4.19
N TYR A 4 -5.33 -4.45 -5.27
CA TYR A 4 -4.23 -3.52 -5.36
C TYR A 4 -4.53 -2.39 -6.34
N PRO A 5 -5.65 -1.68 -6.14
CA PRO A 5 -6.07 -0.57 -7.02
C PRO A 5 -4.92 0.40 -7.27
N LEU A 6 -3.99 0.48 -6.32
CA LEU A 6 -2.83 1.37 -6.42
C LEU A 6 -3.25 2.74 -6.94
N ALA A 7 -4.28 3.32 -6.32
CA ALA A 7 -4.79 4.63 -6.69
C ALA A 7 -3.67 5.60 -7.04
N SER A 8 -2.96 6.04 -6.03
CA SER A 8 -1.84 6.96 -6.22
C SER A 8 -0.71 6.29 -6.97
N ASN A 9 -0.39 6.82 -8.15
CA ASN A 9 0.68 6.27 -8.97
C ASN A 9 1.99 6.27 -8.20
N GLY A 10 2.13 7.21 -7.27
CA GLY A 10 3.34 7.29 -6.48
C GLY A 10 3.18 6.57 -5.14
N CYS A 11 2.98 5.26 -5.21
CA CYS A 11 2.81 4.44 -4.02
C CYS A 11 1.40 4.59 -3.45
N LYS A 12 0.74 3.46 -3.20
CA LYS A 12 -0.61 3.47 -2.63
C LYS A 12 -0.49 3.45 -1.11
N PHE A 13 0.26 2.47 -0.62
CA PHE A 13 0.49 2.33 0.81
C PHE A 13 1.97 2.52 1.10
N GLY A 14 2.42 2.14 2.29
CA GLY A 14 3.82 2.31 2.63
C GLY A 14 4.62 1.02 2.50
N CYS A 15 5.55 1.00 1.56
CA CYS A 15 6.39 -0.16 1.33
C CYS A 15 7.40 0.11 0.21
N SER A 16 7.83 1.35 0.10
CA SER A 16 8.80 1.76 -0.91
C SER A 16 9.96 0.77 -0.99
N GLY A 17 10.42 0.32 0.16
CA GLY A 17 11.52 -0.61 0.21
C GLY A 17 12.85 0.04 -0.18
N LEU A 18 13.03 0.25 -1.48
CA LEU A 18 14.24 0.87 -1.98
C LEU A 18 14.21 2.39 -1.78
N GLY A 19 14.10 2.81 -0.53
CA GLY A 19 14.06 4.24 -0.23
C GLY A 19 14.00 4.53 1.26
N GLU A 20 13.07 5.39 1.64
CA GLU A 20 12.90 5.76 3.05
C GLU A 20 12.16 4.67 3.81
N ASN A 21 12.16 4.78 5.13
CA ASN A 21 11.50 3.81 5.99
C ASN A 21 10.00 4.11 6.08
N ASN A 22 9.24 3.61 5.12
CA ASN A 22 7.80 3.83 5.08
C ASN A 22 7.05 2.49 5.02
N PRO A 23 7.42 1.52 5.87
CA PRO A 23 6.75 0.21 5.90
C PRO A 23 5.44 0.23 6.69
N THR A 24 4.60 1.22 6.40
CA THR A 24 3.32 1.36 7.08
C THR A 24 2.24 0.45 6.50
N CYS A 25 2.36 0.10 5.22
CA CYS A 25 1.38 -0.75 4.56
C CYS A 25 0.98 -1.95 5.41
N ASN A 26 1.97 -2.63 5.99
CA ASN A 26 1.69 -3.80 6.81
C ASN A 26 0.80 -3.44 8.00
N HIS A 27 1.20 -2.41 8.75
CA HIS A 27 0.44 -1.97 9.91
C HIS A 27 -0.86 -1.29 9.50
N VAL A 28 -0.76 -0.27 8.65
CA VAL A 28 -1.94 0.46 8.19
C VAL A 28 -3.05 -0.49 7.76
N CYS A 29 -2.75 -1.36 6.80
CA CYS A 29 -3.72 -2.32 6.29
C CYS A 29 -4.31 -3.17 7.41
N GLU A 30 -3.43 -3.70 8.26
CA GLU A 30 -3.86 -4.55 9.36
C GLU A 30 -4.41 -3.73 10.54
N LYS A 31 -4.49 -2.41 10.38
CA LYS A 31 -5.00 -1.56 11.45
C LYS A 31 -6.28 -0.83 11.06
N LYS A 32 -6.17 0.12 10.14
CA LYS A 32 -7.34 0.90 9.71
C LYS A 32 -8.06 0.23 8.55
N ALA A 33 -7.35 -0.54 7.75
CA ALA A 33 -7.95 -1.22 6.62
C ALA A 33 -8.28 -2.67 6.99
N GLY A 34 -7.95 -3.03 8.23
CA GLY A 34 -8.21 -4.37 8.73
C GLY A 34 -7.97 -5.46 7.70
N SER A 35 -6.74 -5.57 7.21
CA SER A 35 -6.39 -6.57 6.21
C SER A 35 -5.07 -7.26 6.58
N ASP A 36 -5.06 -8.59 6.47
CA ASP A 36 -3.87 -9.37 6.78
C ASP A 36 -3.19 -9.87 5.51
N TYR A 37 -3.84 -9.68 4.37
CA TYR A 37 -3.29 -10.12 3.09
C TYR A 37 -2.77 -8.95 2.27
N GLY A 38 -1.47 -8.94 2.02
CA GLY A 38 -0.85 -7.88 1.24
C GLY A 38 0.41 -8.37 0.55
N TYR A 39 1.07 -7.47 -0.20
CA TYR A 39 2.30 -7.84 -0.90
C TYR A 39 3.25 -6.66 -1.02
N CYS A 40 4.51 -6.95 -1.31
CA CYS A 40 5.52 -5.91 -1.46
C CYS A 40 6.65 -6.39 -2.37
N TYR A 41 6.71 -5.82 -3.57
CA TYR A 41 7.74 -6.17 -4.54
C TYR A 41 8.51 -4.93 -4.96
N ALA A 42 7.80 -3.98 -5.54
CA ALA A 42 8.40 -2.72 -5.98
C ALA A 42 8.19 -1.66 -4.90
N TRP A 43 8.03 -0.41 -5.32
CA TRP A 43 7.82 0.69 -4.39
C TRP A 43 6.34 0.84 -4.06
N THR A 44 5.71 -0.25 -3.61
CA THR A 44 4.28 -0.23 -3.27
C THR A 44 3.93 -1.42 -2.37
N CYS A 45 2.65 -1.54 -2.02
CA CYS A 45 2.19 -2.63 -1.18
C CYS A 45 0.78 -3.10 -1.56
N TYR A 46 0.57 -4.41 -1.54
CA TYR A 46 -0.74 -4.99 -1.86
C TYR A 46 -1.61 -5.02 -0.63
N CYS A 47 -2.91 -4.79 -0.79
CA CYS A 47 -3.82 -4.79 0.35
C CYS A 47 -5.14 -5.47 0.02
N GLU A 48 -5.57 -6.36 0.92
CA GLU A 48 -6.82 -7.08 0.76
C GLU A 48 -7.93 -6.45 1.60
N HIS A 49 -8.15 -5.14 1.38
CA HIS A 49 -9.18 -4.36 2.08
C HIS A 49 -8.70 -2.91 2.24
N VAL A 50 -8.88 -2.11 1.21
CA VAL A 50 -8.45 -0.70 1.24
C VAL A 50 -9.36 0.21 0.44
N ALA A 51 -10.06 -0.34 -0.53
CA ALA A 51 -10.95 0.44 -1.38
C ALA A 51 -12.08 1.06 -0.58
N GLU A 52 -13.02 0.24 -0.15
CA GLU A 52 -14.16 0.71 0.63
C GLU A 52 -13.80 0.79 2.12
N GLY A 53 -12.64 1.36 2.42
CA GLY A 53 -12.22 1.49 3.79
C GLY A 53 -11.41 2.75 4.04
N THR A 54 -10.09 2.61 4.03
CA THR A 54 -9.19 3.74 4.25
C THR A 54 -8.90 4.48 2.94
N VAL A 55 -8.48 5.73 3.06
CA VAL A 55 -8.17 6.54 1.88
C VAL A 55 -6.93 6.00 1.17
N LEU A 56 -7.03 5.88 -0.16
CA LEU A 56 -5.93 5.37 -0.96
C LEU A 56 -5.39 6.45 -1.90
N TRP A 57 -4.44 7.23 -1.41
CA TRP A 57 -3.83 8.29 -2.21
C TRP A 57 -2.40 8.57 -1.75
N GLY A 58 -1.76 7.57 -1.17
CA GLY A 58 -0.39 7.74 -0.70
C GLY A 58 -0.30 7.91 0.81
N ASP A 59 0.35 6.95 1.47
CA ASP A 59 0.52 6.99 2.92
C ASP A 59 1.86 7.63 3.29
N SER A 60 2.79 6.82 3.80
CA SER A 60 4.10 7.32 4.18
C SER A 60 5.15 6.98 3.13
N GLY A 61 4.90 5.91 2.39
CA GLY A 61 5.83 5.49 1.35
C GLY A 61 5.65 6.26 0.06
N THR A 62 4.49 6.88 -0.10
CA THR A 62 4.21 7.66 -1.31
C THR A 62 5.19 8.81 -1.47
N GLY A 63 5.46 9.18 -2.72
CA GLY A 63 6.40 10.25 -3.00
C GLY A 63 7.67 9.73 -3.62
N PRO A 64 8.56 9.12 -2.82
CA PRO A 64 9.82 8.57 -3.31
C PRO A 64 9.66 7.15 -3.86
N CYS A 65 8.52 6.53 -3.59
CA CYS A 65 8.24 5.17 -4.05
C CYS A 65 8.49 5.04 -5.56
N ARG A 66 7.43 5.16 -6.36
CA ARG A 66 7.55 5.05 -7.81
C ARG A 66 7.61 6.43 -8.45
N SER A 67 8.79 7.04 -8.43
CA SER A 67 8.99 8.37 -9.01
C SER A 67 9.58 8.27 -10.41
N ARG A 1 -13.67 -6.27 -1.77
CA ARG A 1 -12.51 -5.34 -1.77
C ARG A 1 -11.23 -6.04 -1.30
N ASP A 2 -10.19 -5.95 -2.11
CA ASP A 2 -8.91 -6.58 -1.80
C ASP A 2 -7.99 -6.53 -3.01
N GLY A 3 -7.29 -5.42 -3.18
CA GLY A 3 -6.40 -5.27 -4.32
C GLY A 3 -5.29 -4.27 -4.07
N TYR A 4 -4.93 -3.56 -5.14
CA TYR A 4 -3.90 -2.55 -5.07
C TYR A 4 -4.10 -1.49 -6.15
N PRO A 5 -5.18 -0.70 -6.05
CA PRO A 5 -5.49 0.36 -7.03
C PRO A 5 -4.26 1.14 -7.46
N LEU A 6 -3.21 1.10 -6.63
CA LEU A 6 -1.97 1.80 -6.92
C LEU A 6 -2.23 3.25 -7.33
N ALA A 7 -2.78 4.02 -6.39
CA ALA A 7 -3.09 5.43 -6.60
C ALA A 7 -2.25 6.06 -7.71
N SER A 8 -1.03 6.44 -7.38
CA SER A 8 -0.12 7.03 -8.34
C SER A 8 0.43 5.96 -9.28
N ASN A 9 1.65 6.14 -9.78
CA ASN A 9 2.24 5.16 -10.69
C ASN A 9 2.85 3.99 -9.94
N GLY A 10 2.00 3.06 -9.51
CA GLY A 10 2.48 1.89 -8.79
C GLY A 10 3.02 2.19 -7.41
N CYS A 11 2.12 2.52 -6.49
CA CYS A 11 2.52 2.83 -5.12
C CYS A 11 1.29 3.00 -4.22
N LYS A 12 0.94 1.94 -3.49
CA LYS A 12 -0.20 1.99 -2.59
C LYS A 12 0.25 2.44 -1.21
N PHE A 13 0.73 1.50 -0.40
CA PHE A 13 1.22 1.82 0.93
C PHE A 13 2.73 1.75 0.95
N GLY A 14 3.33 1.69 2.14
CA GLY A 14 4.77 1.64 2.23
C GLY A 14 5.35 0.38 1.59
N CYS A 15 6.47 -0.08 2.12
CA CYS A 15 7.14 -1.28 1.61
C CYS A 15 7.96 -0.98 0.35
N SER A 16 8.35 0.29 0.17
CA SER A 16 9.15 0.68 -0.98
C SER A 16 10.48 -0.06 -0.99
N GLY A 17 10.74 -0.80 -2.06
CA GLY A 17 11.98 -1.54 -2.17
C GLY A 17 13.19 -0.67 -1.94
N LEU A 18 13.19 0.52 -2.51
CA LEU A 18 14.30 1.46 -2.37
C LEU A 18 14.25 2.16 -1.01
N GLY A 19 14.44 1.39 0.06
CA GLY A 19 14.41 1.97 1.40
C GLY A 19 13.17 1.58 2.17
N GLU A 20 13.36 1.01 3.35
CA GLU A 20 12.26 0.59 4.20
C GLU A 20 11.70 1.74 5.04
N ASN A 21 12.19 2.96 4.78
CA ASN A 21 11.74 4.13 5.53
C ASN A 21 10.29 4.46 5.19
N ASN A 22 9.37 3.60 5.61
CA ASN A 22 7.95 3.80 5.35
C ASN A 22 7.14 2.57 5.78
N PRO A 23 7.12 2.28 7.09
CA PRO A 23 6.38 1.13 7.64
C PRO A 23 4.89 1.39 7.78
N THR A 24 4.28 1.93 6.72
CA THR A 24 2.86 2.23 6.75
C THR A 24 2.03 0.99 6.45
N CYS A 25 2.26 0.37 5.30
CA CYS A 25 1.52 -0.83 4.90
C CYS A 25 1.46 -1.85 6.02
N ASN A 26 2.48 -1.84 6.88
CA ASN A 26 2.53 -2.77 8.01
C ASN A 26 1.27 -2.63 8.85
N HIS A 27 1.18 -1.55 9.61
CA HIS A 27 0.02 -1.29 10.46
C HIS A 27 -1.20 -0.91 9.61
N VAL A 28 -0.97 -0.07 8.60
CA VAL A 28 -2.05 0.38 7.73
C VAL A 28 -2.90 -0.78 7.24
N CYS A 29 -2.29 -1.71 6.52
CA CYS A 29 -3.00 -2.87 5.99
C CYS A 29 -3.49 -3.79 7.11
N GLU A 30 -2.62 -4.03 8.09
CA GLU A 30 -2.96 -4.89 9.21
C GLU A 30 -3.84 -4.21 10.27
N LYS A 31 -4.33 -3.00 9.98
CA LYS A 31 -5.16 -2.29 10.93
C LYS A 31 -6.44 -1.74 10.30
N LYS A 32 -6.32 -0.73 9.47
CA LYS A 32 -7.47 -0.11 8.83
C LYS A 32 -8.26 -1.11 7.97
N ALA A 33 -7.55 -2.09 7.42
CA ALA A 33 -8.19 -3.11 6.60
C ALA A 33 -8.46 -4.36 7.43
N GLY A 34 -7.99 -4.33 8.68
CA GLY A 34 -8.18 -5.44 9.59
C GLY A 34 -7.83 -6.77 8.96
N SER A 35 -6.96 -6.74 7.95
CA SER A 35 -6.54 -7.97 7.27
C SER A 35 -5.03 -7.98 7.05
N ASP A 36 -4.43 -9.15 7.21
CA ASP A 36 -2.99 -9.29 7.03
C ASP A 36 -2.69 -9.85 5.64
N TYR A 37 -3.54 -9.53 4.67
CA TYR A 37 -3.36 -10.01 3.31
C TYR A 37 -2.86 -8.88 2.40
N GLY A 38 -1.58 -8.96 2.04
CA GLY A 38 -0.99 -7.95 1.18
C GLY A 38 0.20 -8.50 0.41
N TYR A 39 0.82 -7.65 -0.40
CA TYR A 39 2.00 -8.07 -1.18
C TYR A 39 3.05 -6.97 -1.23
N CYS A 40 4.32 -7.38 -1.17
CA CYS A 40 5.43 -6.43 -1.21
C CYS A 40 6.48 -6.88 -2.22
N TYR A 41 6.58 -6.15 -3.33
CA TYR A 41 7.55 -6.47 -4.37
C TYR A 41 8.30 -5.22 -4.81
N ALA A 42 7.59 -4.31 -5.46
CA ALA A 42 8.19 -3.07 -5.94
C ALA A 42 7.94 -1.93 -4.95
N TRP A 43 7.81 -0.72 -5.48
CA TRP A 43 7.58 0.46 -4.64
C TRP A 43 6.08 0.64 -4.38
N THR A 44 5.47 -0.34 -3.73
CA THR A 44 4.05 -0.30 -3.42
C THR A 44 3.68 -1.36 -2.38
N CYS A 45 2.41 -1.72 -2.31
CA CYS A 45 1.96 -2.72 -1.35
C CYS A 45 0.51 -3.15 -1.61
N TYR A 46 0.29 -4.46 -1.64
CA TYR A 46 -1.05 -5.01 -1.86
C TYR A 46 -1.79 -5.08 -0.54
N CYS A 47 -3.10 -4.85 -0.57
CA CYS A 47 -3.91 -4.89 0.65
C CYS A 47 -5.32 -5.40 0.38
N GLU A 48 -5.82 -6.16 1.35
CA GLU A 48 -7.16 -6.72 1.27
C GLU A 48 -8.17 -5.79 1.93
N HIS A 49 -9.38 -5.73 1.37
CA HIS A 49 -10.44 -4.89 1.90
C HIS A 49 -10.08 -3.41 1.84
N VAL A 50 -9.08 -3.06 1.03
CA VAL A 50 -8.66 -1.67 0.90
C VAL A 50 -8.76 -1.19 -0.55
N ALA A 51 -8.80 -2.13 -1.49
CA ALA A 51 -8.90 -1.79 -2.90
C ALA A 51 -10.20 -1.07 -3.21
N GLU A 52 -11.27 -1.83 -3.32
CA GLU A 52 -12.59 -1.27 -3.60
C GLU A 52 -13.18 -0.63 -2.36
N GLY A 53 -12.52 0.40 -1.84
CA GLY A 53 -12.99 1.07 -0.65
C GLY A 53 -12.17 2.30 -0.30
N THR A 54 -11.07 2.08 0.41
CA THR A 54 -10.18 3.17 0.82
C THR A 54 -9.15 3.47 -0.26
N VAL A 55 -8.27 4.44 0.02
CA VAL A 55 -7.23 4.83 -0.92
C VAL A 55 -5.88 4.95 -0.22
N LEU A 56 -4.83 5.18 -1.02
CA LEU A 56 -3.48 5.31 -0.47
C LEU A 56 -2.87 6.66 -0.82
N TRP A 57 -2.60 6.84 -2.11
CA TRP A 57 -2.02 8.07 -2.62
C TRP A 57 -0.55 8.20 -2.20
N GLY A 58 0.00 9.39 -2.36
CA GLY A 58 1.40 9.62 -2.01
C GLY A 58 1.69 9.44 -0.53
N ASP A 59 1.62 8.20 -0.06
CA ASP A 59 1.88 7.88 1.33
C ASP A 59 3.37 8.10 1.66
N SER A 60 3.88 7.37 2.65
CA SER A 60 5.29 7.50 3.04
C SER A 60 6.19 6.62 2.17
N GLY A 61 5.78 5.37 1.98
CA GLY A 61 6.57 4.45 1.18
C GLY A 61 6.11 4.38 -0.26
N THR A 62 5.28 5.33 -0.68
CA THR A 62 4.79 5.36 -2.05
C THR A 62 5.71 6.21 -2.92
N GLY A 63 6.16 7.34 -2.36
CA GLY A 63 7.07 8.24 -3.05
C GLY A 63 6.86 8.28 -4.56
N PRO A 64 7.96 8.32 -5.36
CA PRO A 64 7.87 8.36 -6.81
C PRO A 64 7.11 7.17 -7.39
N CYS A 65 7.05 6.08 -6.62
CA CYS A 65 6.35 4.87 -7.05
C CYS A 65 7.13 4.13 -8.13
N ARG A 66 6.60 2.98 -8.53
CA ARG A 66 7.23 2.17 -9.56
C ARG A 66 6.24 1.82 -10.66
N SER A 67 6.52 2.27 -11.87
CA SER A 67 5.65 1.99 -13.01
C SER A 67 6.46 1.80 -14.29
N ARG A 1 -13.15 -5.26 -1.80
CA ARG A 1 -12.12 -4.23 -1.55
C ARG A 1 -10.72 -4.87 -1.44
N ASP A 2 -10.52 -5.95 -2.18
CA ASP A 2 -9.23 -6.65 -2.16
C ASP A 2 -8.44 -6.37 -3.43
N GLY A 3 -7.70 -5.28 -3.42
CA GLY A 3 -6.91 -4.92 -4.58
C GLY A 3 -5.74 -4.03 -4.22
N TYR A 4 -5.27 -3.26 -5.20
CA TYR A 4 -4.17 -2.33 -5.00
C TYR A 4 -4.24 -1.19 -6.00
N PRO A 5 -5.20 -0.26 -5.80
CA PRO A 5 -5.40 0.90 -6.68
C PRO A 5 -4.08 1.54 -7.12
N LEU A 6 -3.02 1.33 -6.34
CA LEU A 6 -1.70 1.88 -6.63
C LEU A 6 -1.77 3.38 -6.97
N ALA A 7 -2.86 4.03 -6.55
CA ALA A 7 -3.06 5.46 -6.79
C ALA A 7 -2.31 5.97 -8.03
N SER A 8 -1.08 6.42 -7.84
CA SER A 8 -0.26 6.92 -8.93
C SER A 8 0.39 5.76 -9.70
N ASN A 9 1.54 6.01 -10.31
CA ASN A 9 2.23 4.97 -11.07
C ASN A 9 2.85 3.91 -10.17
N GLY A 10 2.00 3.08 -9.57
CA GLY A 10 2.48 2.02 -8.71
C GLY A 10 2.87 2.50 -7.32
N CYS A 11 1.89 2.91 -6.53
CA CYS A 11 2.15 3.36 -5.17
C CYS A 11 0.91 3.32 -4.29
N LYS A 12 0.98 2.55 -3.21
CA LYS A 12 -0.13 2.42 -2.28
C LYS A 12 0.30 2.89 -0.89
N PHE A 13 0.95 1.99 -0.14
CA PHE A 13 1.42 2.31 1.20
C PHE A 13 2.95 2.24 1.23
N GLY A 14 3.52 2.08 2.43
CA GLY A 14 4.96 1.99 2.54
C GLY A 14 5.52 0.81 1.77
N CYS A 15 6.55 0.18 2.32
CA CYS A 15 7.17 -0.98 1.67
C CYS A 15 7.74 -0.59 0.31
N SER A 16 9.05 -0.63 0.20
CA SER A 16 9.73 -0.28 -1.04
C SER A 16 10.99 -1.12 -1.26
N GLY A 17 11.31 -2.00 -0.32
CA GLY A 17 12.49 -2.83 -0.45
C GLY A 17 13.77 -2.02 -0.29
N LEU A 18 13.98 -1.09 -1.21
CA LEU A 18 15.17 -0.24 -1.18
C LEU A 18 15.02 0.88 -0.15
N GLY A 19 14.83 0.49 1.10
CA GLY A 19 14.67 1.48 2.16
C GLY A 19 13.57 1.11 3.13
N GLU A 20 13.96 0.64 4.31
CA GLU A 20 13.00 0.24 5.34
C GLU A 20 12.53 1.44 6.17
N ASN A 21 12.75 2.65 5.67
CA ASN A 21 12.34 3.86 6.38
C ASN A 21 10.87 4.19 6.14
N ASN A 22 10.15 3.28 5.49
CA ASN A 22 8.73 3.47 5.21
C ASN A 22 7.94 2.19 5.47
N PRO A 23 7.98 1.69 6.72
CA PRO A 23 7.28 0.47 7.10
C PRO A 23 5.78 0.71 7.38
N THR A 24 5.32 1.92 7.12
CA THR A 24 3.92 2.28 7.34
C THR A 24 2.99 1.27 6.66
N CYS A 25 3.44 0.69 5.56
CA CYS A 25 2.66 -0.29 4.83
C CYS A 25 2.12 -1.37 5.76
N ASN A 26 2.99 -1.90 6.61
CA ASN A 26 2.60 -2.94 7.56
C ASN A 26 1.59 -2.40 8.57
N HIS A 27 1.74 -1.13 8.93
CA HIS A 27 0.86 -0.50 9.90
C HIS A 27 -0.53 -0.24 9.29
N VAL A 28 -0.57 0.59 8.24
CA VAL A 28 -1.83 0.92 7.59
C VAL A 28 -2.65 -0.32 7.24
N CYS A 29 -2.08 -1.18 6.40
CA CYS A 29 -2.77 -2.40 5.98
C CYS A 29 -3.21 -3.22 7.20
N GLU A 30 -2.29 -3.47 8.12
CA GLU A 30 -2.60 -4.25 9.32
C GLU A 30 -3.64 -3.56 10.19
N LYS A 31 -3.92 -2.30 9.92
CA LYS A 31 -4.90 -1.54 10.70
C LYS A 31 -6.31 -1.66 10.14
N LYS A 32 -6.55 -1.02 9.01
CA LYS A 32 -7.88 -1.03 8.39
C LYS A 32 -8.07 -2.19 7.41
N ALA A 33 -7.02 -2.52 6.68
CA ALA A 33 -7.09 -3.62 5.72
C ALA A 33 -6.55 -4.90 6.32
N GLY A 34 -6.52 -4.94 7.65
CA GLY A 34 -6.04 -6.10 8.36
C GLY A 34 -4.68 -6.58 7.88
N SER A 35 -4.13 -7.60 8.54
CA SER A 35 -2.83 -8.14 8.16
C SER A 35 -2.92 -9.64 7.92
N ASP A 36 -2.85 -10.05 6.66
CA ASP A 36 -2.91 -11.46 6.30
C ASP A 36 -2.82 -11.64 4.79
N TYR A 37 -3.69 -10.97 4.05
CA TYR A 37 -3.71 -11.06 2.60
C TYR A 37 -3.15 -9.80 1.96
N GLY A 38 -1.86 -9.80 1.69
CA GLY A 38 -1.21 -8.65 1.08
C GLY A 38 0.05 -9.05 0.31
N TYR A 39 0.72 -8.05 -0.26
CA TYR A 39 1.94 -8.31 -1.03
C TYR A 39 2.92 -7.14 -0.92
N CYS A 40 4.20 -7.45 -1.00
CA CYS A 40 5.25 -6.42 -0.91
C CYS A 40 6.37 -6.70 -1.92
N TYR A 41 6.41 -5.91 -2.98
CA TYR A 41 7.43 -6.08 -4.01
C TYR A 41 8.21 -4.78 -4.22
N ALA A 42 7.58 -3.83 -4.91
CA ALA A 42 8.22 -2.54 -5.16
C ALA A 42 7.78 -1.51 -4.13
N TRP A 43 7.72 -0.24 -4.53
CA TRP A 43 7.30 0.82 -3.65
C TRP A 43 5.78 0.84 -3.51
N THR A 44 5.23 -0.25 -2.98
CA THR A 44 3.78 -0.36 -2.80
C THR A 44 3.41 -1.72 -2.19
N CYS A 45 2.13 -1.92 -1.90
CA CYS A 45 1.67 -3.17 -1.31
C CYS A 45 0.27 -3.55 -1.79
N TYR A 46 -0.08 -4.81 -1.59
CA TYR A 46 -1.39 -5.34 -1.95
C TYR A 46 -2.17 -5.62 -0.69
N CYS A 47 -3.48 -5.41 -0.70
CA CYS A 47 -4.28 -5.65 0.48
C CYS A 47 -5.73 -6.02 0.15
N GLU A 48 -6.26 -6.96 0.94
CA GLU A 48 -7.63 -7.44 0.75
C GLU A 48 -8.63 -6.58 1.53
N HIS A 49 -8.61 -5.27 1.29
CA HIS A 49 -9.52 -4.33 1.97
C HIS A 49 -8.98 -2.90 1.91
N VAL A 50 -9.18 -2.23 0.78
CA VAL A 50 -8.71 -0.84 0.61
C VAL A 50 -9.00 -0.31 -0.78
N ALA A 51 -9.21 -1.20 -1.74
CA ALA A 51 -9.49 -0.79 -3.11
C ALA A 51 -10.80 0.00 -3.19
N GLU A 52 -11.92 -0.71 -3.08
CA GLU A 52 -13.22 -0.07 -3.13
C GLU A 52 -13.65 0.47 -1.76
N GLY A 53 -12.69 1.04 -1.04
CA GLY A 53 -13.00 1.58 0.28
C GLY A 53 -12.14 2.79 0.63
N THR A 54 -11.20 2.61 1.55
CA THR A 54 -10.32 3.70 1.97
C THR A 54 -9.55 4.27 0.78
N VAL A 55 -8.55 5.10 1.07
CA VAL A 55 -7.74 5.71 0.03
C VAL A 55 -6.24 5.51 0.28
N LEU A 56 -5.43 6.07 -0.60
CA LEU A 56 -3.97 5.96 -0.48
C LEU A 56 -3.29 7.21 -1.02
N TRP A 57 -3.08 7.25 -2.32
CA TRP A 57 -2.45 8.39 -2.98
C TRP A 57 -1.00 8.59 -2.55
N GLY A 58 -0.18 7.58 -2.79
CA GLY A 58 1.23 7.66 -2.44
C GLY A 58 1.47 7.93 -0.97
N ASP A 59 2.07 6.96 -0.28
CA ASP A 59 2.38 7.08 1.14
C ASP A 59 3.82 7.58 1.34
N SER A 60 4.55 7.01 2.30
CA SER A 60 5.92 7.42 2.56
C SER A 60 6.91 6.59 1.74
N GLY A 61 6.72 5.27 1.75
CA GLY A 61 7.61 4.39 1.01
C GLY A 61 7.29 4.32 -0.47
N THR A 62 6.30 5.09 -0.89
CA THR A 62 5.89 5.12 -2.28
C THR A 62 6.64 6.19 -3.06
N GLY A 63 6.30 7.45 -2.77
CA GLY A 63 6.94 8.57 -3.44
C GLY A 63 6.75 8.53 -4.94
N PRO A 64 7.84 8.52 -5.73
CA PRO A 64 7.77 8.48 -7.20
C PRO A 64 6.98 7.27 -7.71
N CYS A 65 6.83 6.27 -6.85
CA CYS A 65 6.11 5.05 -7.22
C CYS A 65 6.93 4.17 -8.14
N ARG A 66 6.34 3.06 -8.58
CA ARG A 66 7.02 2.13 -9.46
C ARG A 66 6.09 1.67 -10.59
N SER A 67 5.21 0.73 -10.29
CA SER A 67 4.26 0.22 -11.27
C SER A 67 3.11 -0.51 -10.60
N ARG A 1 -13.27 -5.19 -1.00
CA ARG A 1 -12.50 -5.06 -2.27
C ARG A 1 -11.02 -5.32 -2.05
N ASP A 2 -10.41 -6.09 -2.95
CA ASP A 2 -9.00 -6.42 -2.86
C ASP A 2 -8.15 -5.16 -2.85
N GLY A 3 -6.83 -5.33 -2.82
CA GLY A 3 -5.92 -4.20 -2.83
C GLY A 3 -4.95 -4.27 -3.98
N TYR A 4 -5.49 -4.17 -5.19
CA TYR A 4 -4.70 -4.21 -6.41
C TYR A 4 -4.93 -2.96 -7.24
N PRO A 5 -6.18 -2.72 -7.67
CA PRO A 5 -6.53 -1.54 -8.44
C PRO A 5 -5.97 -0.29 -7.76
N LEU A 6 -5.87 -0.38 -6.41
CA LEU A 6 -5.35 0.69 -5.56
C LEU A 6 -5.48 2.06 -6.20
N ALA A 7 -6.49 2.81 -5.73
CA ALA A 7 -6.78 4.17 -6.22
C ALA A 7 -5.56 4.86 -6.82
N SER A 8 -4.71 5.38 -5.96
CA SER A 8 -3.50 6.08 -6.41
C SER A 8 -2.49 5.12 -6.99
N ASN A 9 -2.29 5.19 -8.31
CA ASN A 9 -1.33 4.33 -8.99
C ASN A 9 0.06 4.52 -8.42
N GLY A 10 0.36 5.76 -8.02
CA GLY A 10 1.65 6.06 -7.44
C GLY A 10 1.76 5.66 -5.99
N CYS A 11 1.76 4.35 -5.74
CA CYS A 11 1.85 3.82 -4.38
C CYS A 11 0.59 4.13 -3.59
N LYS A 12 -0.03 3.10 -3.05
CA LYS A 12 -1.24 3.26 -2.25
C LYS A 12 -0.87 3.48 -0.79
N PHE A 13 -0.07 2.57 -0.26
CA PHE A 13 0.37 2.64 1.12
C PHE A 13 1.89 2.83 1.17
N GLY A 14 2.52 2.41 2.25
CA GLY A 14 3.96 2.55 2.39
C GLY A 14 4.74 1.55 1.56
N CYS A 15 5.56 0.74 2.24
CA CYS A 15 6.38 -0.26 1.55
C CYS A 15 7.47 0.46 0.74
N SER A 16 7.43 0.33 -0.58
CA SER A 16 8.41 0.97 -1.45
C SER A 16 9.77 0.28 -1.36
N GLY A 17 10.37 0.30 -0.18
CA GLY A 17 11.66 -0.33 0.02
C GLY A 17 12.81 0.55 -0.45
N LEU A 18 12.90 0.76 -1.76
CA LEU A 18 13.96 1.59 -2.33
C LEU A 18 13.63 3.07 -2.16
N GLY A 19 13.52 3.51 -0.91
CA GLY A 19 13.23 4.90 -0.64
C GLY A 19 13.36 5.25 0.82
N GLU A 20 12.44 6.06 1.32
CA GLU A 20 12.45 6.47 2.72
C GLU A 20 11.81 5.42 3.62
N ASN A 21 11.70 5.74 4.91
CA ASN A 21 11.10 4.83 5.87
C ASN A 21 9.57 4.92 5.83
N ASN A 22 8.98 4.13 4.94
CA ASN A 22 7.52 4.12 4.80
C ASN A 22 6.95 2.72 5.08
N PRO A 23 7.30 2.11 6.22
CA PRO A 23 6.81 0.78 6.59
C PRO A 23 5.38 0.81 7.13
N THR A 24 4.79 2.01 7.20
CA THR A 24 3.43 2.17 7.70
C THR A 24 2.43 1.32 6.94
N CYS A 25 2.79 0.92 5.72
CA CYS A 25 1.90 0.10 4.90
C CYS A 25 1.46 -1.16 5.66
N ASN A 26 2.35 -1.68 6.48
CA ASN A 26 2.04 -2.88 7.27
C ASN A 26 1.06 -2.54 8.39
N HIS A 27 1.22 -1.37 8.98
CA HIS A 27 0.35 -0.93 10.06
C HIS A 27 -1.04 -0.59 9.54
N VAL A 28 -1.09 0.14 8.44
CA VAL A 28 -2.36 0.54 7.83
C VAL A 28 -3.21 -0.68 7.48
N CYS A 29 -2.59 -1.67 6.85
CA CYS A 29 -3.30 -2.88 6.47
C CYS A 29 -3.66 -3.72 7.69
N GLU A 30 -2.66 -4.11 8.47
CA GLU A 30 -2.87 -4.90 9.67
C GLU A 30 -3.92 -4.29 10.59
N LYS A 31 -4.16 -2.98 10.43
CA LYS A 31 -5.12 -2.28 11.26
C LYS A 31 -6.55 -2.40 10.71
N LYS A 32 -6.84 -1.64 9.64
CA LYS A 32 -8.17 -1.64 9.05
C LYS A 32 -8.36 -2.76 8.04
N ALA A 33 -7.31 -3.09 7.30
CA ALA A 33 -7.38 -4.15 6.30
C ALA A 33 -6.84 -5.45 6.87
N GLY A 34 -6.85 -5.54 8.20
CA GLY A 34 -6.36 -6.73 8.87
C GLY A 34 -4.98 -7.13 8.41
N SER A 35 -4.47 -8.23 8.98
CA SER A 35 -3.14 -8.72 8.62
C SER A 35 -3.26 -9.96 7.73
N ASP A 36 -2.16 -10.29 7.05
CA ASP A 36 -2.11 -11.45 6.16
C ASP A 36 -2.71 -11.13 4.80
N TYR A 37 -3.35 -9.97 4.67
CA TYR A 37 -3.95 -9.56 3.41
C TYR A 37 -3.12 -8.48 2.73
N GLY A 38 -1.81 -8.54 2.94
CA GLY A 38 -0.91 -7.56 2.35
C GLY A 38 0.23 -8.21 1.60
N TYR A 39 0.62 -7.62 0.47
CA TYR A 39 1.70 -8.16 -0.33
C TYR A 39 2.52 -7.03 -0.97
N CYS A 40 3.84 -7.21 -1.00
CA CYS A 40 4.73 -6.22 -1.59
C CYS A 40 5.59 -6.86 -2.68
N TYR A 41 5.71 -6.19 -3.81
CA TYR A 41 6.50 -6.68 -4.93
C TYR A 41 7.55 -5.64 -5.31
N ALA A 42 7.11 -4.58 -5.97
CA ALA A 42 7.99 -3.50 -6.37
C ALA A 42 8.01 -2.45 -5.27
N TRP A 43 8.14 -1.18 -5.63
CA TRP A 43 8.14 -0.12 -4.63
C TRP A 43 6.72 0.34 -4.34
N THR A 44 6.01 -0.43 -3.52
CA THR A 44 4.63 -0.12 -3.14
C THR A 44 4.05 -1.24 -2.29
N CYS A 45 2.94 -0.97 -1.62
CA CYS A 45 2.31 -1.97 -0.76
C CYS A 45 0.91 -2.33 -1.23
N TYR A 46 0.78 -3.49 -1.87
CA TYR A 46 -0.52 -3.97 -2.32
C TYR A 46 -1.19 -4.71 -1.17
N CYS A 47 -2.51 -4.68 -1.10
CA CYS A 47 -3.21 -5.36 0.00
C CYS A 47 -4.54 -5.97 -0.44
N GLU A 48 -5.43 -6.20 0.52
CA GLU A 48 -6.73 -6.79 0.23
C GLU A 48 -7.78 -6.30 1.23
N HIS A 49 -8.97 -6.02 0.73
CA HIS A 49 -10.07 -5.54 1.57
C HIS A 49 -9.82 -4.11 2.06
N VAL A 50 -9.19 -3.30 1.21
CA VAL A 50 -8.90 -1.91 1.55
C VAL A 50 -9.53 -0.94 0.55
N ALA A 51 -9.90 -1.45 -0.62
CA ALA A 51 -10.51 -0.61 -1.65
C ALA A 51 -12.04 -0.66 -1.56
N GLU A 52 -12.55 -0.97 -0.38
CA GLU A 52 -13.99 -1.04 -0.16
C GLU A 52 -14.57 0.34 0.12
N GLY A 53 -14.47 1.23 -0.85
CA GLY A 53 -14.99 2.58 -0.68
C GLY A 53 -14.32 3.33 0.44
N THR A 54 -13.07 2.95 0.75
CA THR A 54 -12.31 3.59 1.82
C THR A 54 -11.59 4.83 1.29
N VAL A 55 -10.60 5.30 2.04
CA VAL A 55 -9.84 6.48 1.65
C VAL A 55 -8.39 6.13 1.31
N LEU A 56 -8.08 6.11 0.01
CA LEU A 56 -6.72 5.80 -0.44
C LEU A 56 -6.32 6.70 -1.60
N TRP A 57 -5.27 7.49 -1.40
CA TRP A 57 -4.79 8.40 -2.44
C TRP A 57 -3.30 8.68 -2.29
N GLY A 58 -2.84 8.85 -1.06
CA GLY A 58 -1.43 9.13 -0.82
C GLY A 58 -1.00 8.84 0.60
N ASP A 59 -0.23 7.77 0.76
CA ASP A 59 0.28 7.38 2.07
C ASP A 59 1.68 7.97 2.31
N SER A 60 2.61 7.16 2.83
CA SER A 60 3.97 7.63 3.09
C SER A 60 4.89 7.31 1.92
N GLY A 61 4.53 6.29 1.15
CA GLY A 61 5.35 5.90 0.01
C GLY A 61 4.84 6.47 -1.31
N THR A 62 3.65 7.08 -1.28
CA THR A 62 3.07 7.66 -2.48
C THR A 62 3.97 8.75 -3.06
N GLY A 63 3.49 9.40 -4.12
CA GLY A 63 4.26 10.46 -4.76
C GLY A 63 5.02 9.95 -5.97
N PRO A 64 6.38 9.94 -5.93
CA PRO A 64 7.19 9.47 -7.04
C PRO A 64 7.39 7.96 -7.00
N CYS A 65 6.32 7.25 -6.63
CA CYS A 65 6.37 5.79 -6.54
C CYS A 65 6.04 5.14 -7.89
N ARG A 66 5.54 3.90 -7.85
CA ARG A 66 5.20 3.16 -9.06
C ARG A 66 4.49 4.04 -10.08
N SER A 67 3.21 4.28 -9.86
CA SER A 67 2.42 5.11 -10.77
C SER A 67 2.38 4.50 -12.17
N ARG A 1 -13.66 -5.84 -0.14
CA ARG A 1 -13.02 -5.37 -1.40
C ARG A 1 -11.60 -5.91 -1.53
N ASP A 2 -10.84 -5.35 -2.46
CA ASP A 2 -9.46 -5.77 -2.69
C ASP A 2 -8.51 -4.59 -2.56
N GLY A 3 -7.21 -4.88 -2.56
CA GLY A 3 -6.22 -3.82 -2.46
C GLY A 3 -5.24 -3.83 -3.60
N TYR A 4 -5.76 -4.03 -4.81
CA TYR A 4 -4.92 -4.05 -6.00
C TYR A 4 -5.39 -3.02 -7.04
N PRO A 5 -6.14 -1.97 -6.65
CA PRO A 5 -6.60 -0.95 -7.58
C PRO A 5 -5.51 0.05 -7.92
N LEU A 6 -4.43 0.03 -7.16
CA LEU A 6 -3.30 0.92 -7.35
C LEU A 6 -3.77 2.35 -7.66
N ALA A 7 -4.28 3.03 -6.63
CA ALA A 7 -4.79 4.40 -6.77
C ALA A 7 -3.96 5.18 -7.76
N SER A 8 -2.79 5.62 -7.34
CA SER A 8 -1.90 6.37 -8.19
C SER A 8 -1.47 5.50 -9.37
N ASN A 9 -0.33 5.82 -9.97
CA ASN A 9 0.16 5.04 -11.11
C ASN A 9 0.92 3.81 -10.62
N GLY A 10 0.18 2.80 -10.16
CA GLY A 10 0.81 1.59 -9.66
C GLY A 10 1.40 1.78 -8.28
N CYS A 11 0.60 2.37 -7.39
CA CYS A 11 1.05 2.62 -6.02
C CYS A 11 -0.11 2.57 -5.04
N LYS A 12 0.11 1.94 -3.88
CA LYS A 12 -0.93 1.83 -2.86
C LYS A 12 -0.46 2.49 -1.56
N PHE A 13 0.22 1.72 -0.70
CA PHE A 13 0.72 2.23 0.57
C PHE A 13 2.24 2.19 0.59
N GLY A 14 2.82 1.93 1.76
CA GLY A 14 4.27 1.87 1.88
C GLY A 14 4.89 0.84 0.95
N CYS A 15 5.97 0.20 1.40
CA CYS A 15 6.65 -0.81 0.59
C CYS A 15 7.34 -0.14 -0.61
N SER A 16 7.12 -0.66 -1.82
CA SER A 16 7.75 -0.09 -3.02
C SER A 16 9.26 -0.36 -2.98
N GLY A 17 10.06 0.55 -3.55
CA GLY A 17 11.51 0.37 -3.56
C GLY A 17 12.01 -0.44 -2.38
N LEU A 18 12.75 -1.52 -2.67
CA LEU A 18 13.27 -2.39 -1.62
C LEU A 18 13.93 -1.60 -0.50
N GLY A 19 13.16 -1.30 0.54
CA GLY A 19 13.66 -0.55 1.67
C GLY A 19 12.63 -0.41 2.77
N GLU A 20 13.08 -0.43 4.02
CA GLU A 20 12.18 -0.30 5.16
C GLU A 20 11.86 1.16 5.49
N ASN A 21 11.98 2.03 4.49
CA ASN A 21 11.70 3.45 4.68
C ASN A 21 10.21 3.76 4.59
N ASN A 22 9.40 2.72 4.43
CA ASN A 22 7.95 2.89 4.34
C ASN A 22 7.22 1.75 5.03
N PRO A 23 7.48 1.55 6.34
CA PRO A 23 6.85 0.48 7.12
C PRO A 23 5.43 0.82 7.55
N THR A 24 4.97 2.01 7.19
CA THR A 24 3.62 2.46 7.54
C THR A 24 2.57 1.51 6.98
N CYS A 25 2.86 0.93 5.82
CA CYS A 25 1.93 0.02 5.17
C CYS A 25 1.64 -1.19 6.07
N ASN A 26 2.66 -1.62 6.81
CA ASN A 26 2.51 -2.76 7.71
C ASN A 26 1.35 -2.54 8.68
N HIS A 27 1.35 -1.38 9.33
CA HIS A 27 0.29 -1.04 10.28
C HIS A 27 -1.02 -0.74 9.55
N VAL A 28 -0.93 0.08 8.50
CA VAL A 28 -2.09 0.44 7.71
C VAL A 28 -2.86 -0.80 7.24
N CYS A 29 -2.12 -1.78 6.75
CA CYS A 29 -2.72 -3.01 6.27
C CYS A 29 -3.36 -3.80 7.41
N GLU A 30 -2.63 -3.91 8.52
CA GLU A 30 -3.11 -4.63 9.68
C GLU A 30 -4.09 -3.80 10.50
N LYS A 31 -4.40 -2.59 10.04
CA LYS A 31 -5.32 -1.71 10.75
C LYS A 31 -6.73 -1.80 10.18
N LYS A 32 -6.89 -1.47 8.90
CA LYS A 32 -8.18 -1.50 8.25
C LYS A 32 -8.32 -2.69 7.29
N ALA A 33 -7.21 -3.09 6.68
CA ALA A 33 -7.23 -4.21 5.76
C ALA A 33 -6.78 -5.48 6.46
N GLY A 34 -6.73 -5.43 7.79
CA GLY A 34 -6.33 -6.57 8.59
C GLY A 34 -5.00 -7.15 8.15
N SER A 35 -4.51 -8.13 8.91
CA SER A 35 -3.24 -8.77 8.60
C SER A 35 -3.47 -10.16 8.00
N ASP A 36 -3.84 -10.20 6.73
CA ASP A 36 -4.10 -11.46 6.04
C ASP A 36 -3.41 -11.49 4.68
N TYR A 37 -3.98 -10.77 3.72
CA TYR A 37 -3.42 -10.71 2.38
C TYR A 37 -2.73 -9.39 2.11
N GLY A 38 -1.40 -9.43 2.02
CA GLY A 38 -0.63 -8.22 1.77
C GLY A 38 0.52 -8.45 0.80
N TYR A 39 0.36 -7.94 -0.42
CA TYR A 39 1.39 -8.08 -1.45
C TYR A 39 2.40 -6.93 -1.35
N CYS A 40 3.67 -7.29 -1.17
CA CYS A 40 4.74 -6.30 -1.05
C CYS A 40 5.82 -6.53 -2.09
N TYR A 41 6.23 -5.45 -2.75
CA TYR A 41 7.27 -5.51 -3.76
C TYR A 41 7.99 -4.18 -3.89
N ALA A 42 8.84 -4.06 -4.91
CA ALA A 42 9.58 -2.83 -5.14
C ALA A 42 8.65 -1.70 -5.60
N TRP A 43 7.40 -2.05 -5.90
CA TRP A 43 6.41 -1.08 -6.37
C TRP A 43 5.69 -0.39 -5.22
N THR A 44 5.00 -1.16 -4.40
CA THR A 44 4.25 -0.60 -3.27
C THR A 44 3.63 -1.69 -2.42
N CYS A 45 2.96 -1.29 -1.35
CA CYS A 45 2.35 -2.24 -0.43
C CYS A 45 0.89 -2.51 -0.80
N TYR A 46 0.66 -3.62 -1.48
CA TYR A 46 -0.68 -4.02 -1.87
C TYR A 46 -1.33 -4.79 -0.73
N CYS A 47 -2.64 -4.90 -0.74
CA CYS A 47 -3.33 -5.61 0.35
C CYS A 47 -4.71 -6.09 -0.09
N GLU A 48 -5.45 -6.65 0.87
CA GLU A 48 -6.80 -7.15 0.60
C GLU A 48 -7.83 -6.37 1.42
N HIS A 49 -9.01 -6.19 0.85
CA HIS A 49 -10.09 -5.46 1.52
C HIS A 49 -9.63 -4.04 1.89
N VAL A 50 -9.07 -3.35 0.91
CA VAL A 50 -8.57 -1.98 1.13
C VAL A 50 -9.15 -1.00 0.11
N ALA A 51 -9.79 -1.52 -0.94
CA ALA A 51 -10.37 -0.67 -1.98
C ALA A 51 -11.47 0.22 -1.40
N GLU A 52 -12.56 -0.40 -0.98
CA GLU A 52 -13.68 0.32 -0.40
C GLU A 52 -13.47 0.58 1.09
N GLY A 53 -12.21 0.65 1.50
CA GLY A 53 -11.89 0.89 2.90
C GLY A 53 -11.04 2.13 3.08
N THR A 54 -9.77 2.04 2.70
CA THR A 54 -8.84 3.16 2.84
C THR A 54 -8.90 4.07 1.61
N VAL A 55 -8.33 5.27 1.74
CA VAL A 55 -8.33 6.23 0.65
C VAL A 55 -6.93 6.35 0.04
N LEU A 56 -6.35 5.21 -0.31
CA LEU A 56 -5.01 5.17 -0.91
C LEU A 56 -4.88 6.20 -2.03
N TRP A 57 -3.75 6.91 -2.05
CA TRP A 57 -3.51 7.92 -3.06
C TRP A 57 -2.03 8.32 -3.10
N GLY A 58 -1.49 8.70 -1.93
CA GLY A 58 -0.09 9.10 -1.88
C GLY A 58 0.56 8.79 -0.53
N ASP A 59 0.79 7.50 -0.27
CA ASP A 59 1.41 7.08 0.97
C ASP A 59 2.91 7.41 0.96
N SER A 60 3.69 6.74 1.81
CA SER A 60 5.12 6.98 1.88
C SER A 60 5.83 6.38 0.67
N GLY A 61 5.71 5.06 0.53
CA GLY A 61 6.33 4.38 -0.60
C GLY A 61 5.61 4.65 -1.90
N THR A 62 4.33 4.97 -1.81
CA THR A 62 3.51 5.26 -2.99
C THR A 62 4.05 6.48 -3.73
N GLY A 63 4.87 7.29 -3.05
CA GLY A 63 5.43 8.47 -3.68
C GLY A 63 5.99 8.17 -5.06
N PRO A 64 7.22 7.63 -5.13
CA PRO A 64 7.84 7.29 -6.41
C PRO A 64 7.16 6.09 -7.06
N CYS A 65 7.04 5.01 -6.29
CA CYS A 65 6.40 3.77 -6.75
C CYS A 65 6.74 3.47 -8.22
N ARG A 66 5.95 2.60 -8.84
CA ARG A 66 6.18 2.23 -10.24
C ARG A 66 5.79 3.38 -11.17
N SER A 67 5.90 3.15 -12.47
CA SER A 67 5.57 4.17 -13.46
C SER A 67 4.84 3.54 -14.65
N ARG A 1 -11.69 -5.99 -0.19
CA ARG A 1 -11.18 -6.34 -1.54
C ARG A 1 -9.65 -6.47 -1.54
N ASP A 2 -9.16 -7.61 -2.03
CA ASP A 2 -7.74 -7.86 -2.09
C ASP A 2 -7.14 -7.32 -3.38
N GLY A 3 -6.74 -6.05 -3.37
CA GLY A 3 -6.17 -5.44 -4.55
C GLY A 3 -5.25 -4.28 -4.23
N TYR A 4 -4.91 -3.50 -5.26
CA TYR A 4 -4.04 -2.34 -5.09
C TYR A 4 -4.31 -1.31 -6.19
N PRO A 5 -5.48 -0.66 -6.16
CA PRO A 5 -5.85 0.36 -7.14
C PRO A 5 -4.68 1.29 -7.50
N LEU A 6 -3.70 1.38 -6.60
CA LEU A 6 -2.52 2.23 -6.82
C LEU A 6 -2.92 3.62 -7.29
N ALA A 7 -3.43 4.42 -6.36
CA ALA A 7 -3.86 5.80 -6.63
C ALA A 7 -2.98 6.46 -7.69
N SER A 8 -1.80 6.87 -7.26
CA SER A 8 -0.85 7.51 -8.15
C SER A 8 -0.48 6.57 -9.30
N ASN A 9 0.72 6.73 -9.85
CA ASN A 9 1.16 5.87 -10.96
C ASN A 9 1.85 4.61 -10.47
N GLY A 10 1.43 4.10 -9.31
CA GLY A 10 2.03 2.88 -8.79
C GLY A 10 2.45 2.99 -7.33
N CYS A 11 1.48 3.20 -6.44
CA CYS A 11 1.77 3.30 -5.02
C CYS A 11 0.48 3.24 -4.20
N LYS A 12 0.50 2.42 -3.15
CA LYS A 12 -0.66 2.28 -2.26
C LYS A 12 -0.27 2.69 -0.84
N PHE A 13 0.39 1.79 -0.12
CA PHE A 13 0.84 2.05 1.23
C PHE A 13 2.36 2.17 1.25
N GLY A 14 2.98 1.82 2.38
CA GLY A 14 4.43 1.90 2.47
C GLY A 14 5.09 0.54 2.37
N CYS A 15 5.78 0.29 1.26
CA CYS A 15 6.46 -0.97 1.05
C CYS A 15 7.12 -1.01 -0.33
N SER A 16 7.52 0.16 -0.81
CA SER A 16 8.16 0.27 -2.12
C SER A 16 9.44 -0.56 -2.16
N GLY A 17 10.07 -0.76 -1.00
CA GLY A 17 11.29 -1.53 -0.94
C GLY A 17 12.52 -0.64 -0.92
N LEU A 18 12.40 0.54 -1.52
CA LEU A 18 13.51 1.48 -1.57
C LEU A 18 13.66 2.23 -0.24
N GLY A 19 13.93 1.46 0.82
CA GLY A 19 14.09 2.07 2.13
C GLY A 19 13.03 1.60 3.12
N GLU A 20 13.47 1.31 4.34
CA GLU A 20 12.55 0.85 5.38
C GLU A 20 11.86 2.02 6.09
N ASN A 21 11.86 3.19 5.45
CA ASN A 21 11.23 4.38 6.03
C ASN A 21 9.71 4.39 5.79
N ASN A 22 9.19 3.31 5.21
CA ASN A 22 7.75 3.23 4.95
C ASN A 22 7.22 1.83 5.25
N PRO A 23 7.43 1.31 6.48
CA PRO A 23 6.95 -0.01 6.87
C PRO A 23 5.55 0.04 7.49
N THR A 24 4.77 1.04 7.10
CA THR A 24 3.42 1.21 7.64
C THR A 24 2.41 0.28 6.95
N CYS A 25 2.69 -0.12 5.71
CA CYS A 25 1.78 -0.99 4.97
C CYS A 25 1.30 -2.16 5.83
N ASN A 26 2.18 -2.68 6.67
CA ASN A 26 1.85 -3.80 7.54
C ASN A 26 0.79 -3.39 8.56
N HIS A 27 1.11 -2.35 9.34
CA HIS A 27 0.19 -1.86 10.35
C HIS A 27 -1.07 -1.28 9.71
N VAL A 28 -0.89 -0.38 8.75
CA VAL A 28 -2.02 0.25 8.06
C VAL A 28 -3.05 -0.78 7.62
N CYS A 29 -2.59 -1.84 6.96
CA CYS A 29 -3.48 -2.89 6.49
C CYS A 29 -4.28 -3.49 7.65
N GLU A 30 -3.57 -3.92 8.69
CA GLU A 30 -4.21 -4.49 9.86
C GLU A 30 -4.78 -3.41 10.77
N LYS A 31 -4.69 -2.15 10.34
CA LYS A 31 -5.19 -1.03 11.13
C LYS A 31 -6.66 -0.77 10.85
N LYS A 32 -6.98 -0.41 9.60
CA LYS A 32 -8.37 -0.11 9.24
C LYS A 32 -8.89 -1.01 8.12
N ALA A 33 -8.13 -2.03 7.75
CA ALA A 33 -8.57 -2.95 6.71
C ALA A 33 -9.18 -4.20 7.33
N GLY A 34 -8.90 -4.42 8.61
CA GLY A 34 -9.44 -5.57 9.31
C GLY A 34 -8.69 -6.85 9.03
N SER A 35 -7.75 -6.81 8.08
CA SER A 35 -6.97 -8.00 7.74
C SER A 35 -5.49 -7.64 7.59
N ASP A 36 -4.69 -8.64 7.25
CA ASP A 36 -3.25 -8.44 7.08
C ASP A 36 -2.77 -9.06 5.77
N TYR A 37 -3.58 -8.94 4.73
CA TYR A 37 -3.24 -9.48 3.42
C TYR A 37 -2.72 -8.39 2.50
N GLY A 38 -1.44 -8.49 2.14
CA GLY A 38 -0.83 -7.51 1.25
C GLY A 38 0.35 -8.07 0.48
N TYR A 39 0.99 -7.22 -0.32
CA TYR A 39 2.15 -7.66 -1.10
C TYR A 39 3.22 -6.57 -1.18
N CYS A 40 4.47 -6.99 -1.35
CA CYS A 40 5.60 -6.07 -1.45
C CYS A 40 6.62 -6.60 -2.44
N TYR A 41 6.55 -6.13 -3.68
CA TYR A 41 7.48 -6.57 -4.72
C TYR A 41 8.17 -5.37 -5.36
N ALA A 42 7.38 -4.49 -5.95
CA ALA A 42 7.92 -3.30 -6.59
C ALA A 42 7.87 -2.10 -5.65
N TRP A 43 7.74 -0.91 -6.20
CA TRP A 43 7.69 0.31 -5.41
C TRP A 43 6.26 0.63 -4.95
N THR A 44 5.63 -0.31 -4.25
CA THR A 44 4.28 -0.12 -3.76
C THR A 44 3.89 -1.22 -2.76
N CYS A 45 2.58 -1.38 -2.53
CA CYS A 45 2.12 -2.39 -1.59
C CYS A 45 0.69 -2.82 -1.87
N TYR A 46 0.38 -4.09 -1.55
CA TYR A 46 -0.95 -4.65 -1.74
C TYR A 46 -1.66 -4.73 -0.41
N CYS A 47 -2.98 -4.62 -0.42
CA CYS A 47 -3.77 -4.69 0.81
C CYS A 47 -5.16 -5.27 0.55
N GLU A 48 -5.71 -5.92 1.57
CA GLU A 48 -7.03 -6.52 1.46
C GLU A 48 -8.05 -5.74 2.27
N HIS A 49 -9.30 -5.76 1.82
CA HIS A 49 -10.38 -5.06 2.49
C HIS A 49 -10.26 -3.54 2.33
N VAL A 50 -9.36 -3.12 1.46
CA VAL A 50 -9.15 -1.69 1.20
C VAL A 50 -9.38 -1.35 -0.26
N ALA A 51 -9.28 -2.36 -1.13
CA ALA A 51 -9.48 -2.16 -2.55
C ALA A 51 -10.98 -2.12 -2.91
N GLU A 52 -11.84 -2.26 -1.90
CA GLU A 52 -13.28 -2.25 -2.11
C GLU A 52 -13.81 -0.81 -2.16
N GLY A 53 -13.18 0.02 -2.97
CA GLY A 53 -13.61 1.41 -3.09
C GLY A 53 -13.25 2.24 -1.88
N THR A 54 -12.20 1.84 -1.16
CA THR A 54 -11.75 2.55 0.03
C THR A 54 -10.78 3.67 -0.34
N VAL A 55 -10.47 4.53 0.63
CA VAL A 55 -9.56 5.65 0.41
C VAL A 55 -8.16 5.15 0.09
N LEU A 56 -7.37 5.99 -0.58
CA LEU A 56 -6.00 5.65 -0.94
C LEU A 56 -5.46 6.66 -1.95
N TRP A 57 -4.52 7.49 -1.50
CA TRP A 57 -3.92 8.51 -2.36
C TRP A 57 -2.50 8.84 -1.91
N GLY A 58 -1.65 7.82 -1.86
CA GLY A 58 -0.28 8.02 -1.44
C GLY A 58 -0.11 8.00 0.07
N ASP A 59 0.47 6.93 0.58
CA ASP A 59 0.69 6.78 2.02
C ASP A 59 2.10 7.26 2.41
N SER A 60 2.97 6.34 2.83
CA SER A 60 4.33 6.69 3.21
C SER A 60 5.34 6.30 2.14
N GLY A 61 5.20 5.08 1.62
CA GLY A 61 6.09 4.61 0.58
C GLY A 61 5.78 5.17 -0.79
N THR A 62 4.68 5.91 -0.89
CA THR A 62 4.27 6.50 -2.16
C THR A 62 5.31 7.52 -2.66
N GLY A 63 4.91 8.77 -2.88
CA GLY A 63 5.83 9.78 -3.36
C GLY A 63 6.59 9.32 -4.59
N PRO A 64 7.89 8.99 -4.45
CA PRO A 64 8.71 8.52 -5.57
C PRO A 64 8.48 7.04 -5.87
N CYS A 65 7.23 6.61 -5.75
CA CYS A 65 6.86 5.23 -5.99
C CYS A 65 7.15 4.82 -7.44
N ARG A 66 6.45 3.79 -7.91
CA ARG A 66 6.62 3.31 -9.28
C ARG A 66 6.29 4.41 -10.28
N SER A 67 7.25 5.29 -10.54
CA SER A 67 7.06 6.39 -11.49
C SER A 67 8.39 7.03 -11.86
N ARG A 1 -13.36 -7.51 -1.08
CA ARG A 1 -12.88 -6.35 -1.86
C ARG A 1 -11.36 -6.25 -1.83
N ASP A 2 -10.70 -7.15 -2.56
CA ASP A 2 -9.24 -7.18 -2.62
C ASP A 2 -8.67 -5.79 -2.87
N GLY A 3 -7.34 -5.67 -2.79
CA GLY A 3 -6.70 -4.40 -3.02
C GLY A 3 -5.53 -4.47 -3.97
N TYR A 4 -5.80 -4.09 -5.23
CA TYR A 4 -4.78 -4.10 -6.27
C TYR A 4 -4.60 -2.71 -6.91
N PRO A 5 -5.71 -2.01 -7.20
CA PRO A 5 -5.66 -0.67 -7.80
C PRO A 5 -4.60 0.19 -7.11
N LEU A 6 -3.38 0.06 -7.58
CA LEU A 6 -2.24 0.78 -7.03
C LEU A 6 -2.31 2.28 -7.35
N ALA A 7 -3.44 2.90 -7.03
CA ALA A 7 -3.67 4.34 -7.24
C ALA A 7 -2.72 4.93 -8.29
N SER A 8 -1.69 5.63 -7.83
CA SER A 8 -0.72 6.24 -8.73
C SER A 8 -0.02 5.16 -9.56
N ASN A 9 1.18 5.45 -10.06
CA ASN A 9 1.92 4.49 -10.87
C ASN A 9 2.79 3.57 -10.02
N GLY A 10 2.32 2.36 -9.79
CA GLY A 10 3.08 1.39 -9.03
C GLY A 10 3.29 1.79 -7.58
N CYS A 11 2.33 2.50 -6.99
CA CYS A 11 2.45 2.91 -5.59
C CYS A 11 1.08 3.02 -4.93
N LYS A 12 0.85 2.21 -3.90
CA LYS A 12 -0.41 2.22 -3.16
C LYS A 12 -0.17 2.57 -1.71
N PHE A 13 0.47 1.64 -0.99
CA PHE A 13 0.78 1.83 0.42
C PHE A 13 2.30 1.88 0.61
N GLY A 14 2.76 1.72 1.84
CA GLY A 14 4.19 1.76 2.10
C GLY A 14 4.95 0.67 1.34
N CYS A 15 5.99 0.15 1.97
CA CYS A 15 6.81 -0.90 1.34
C CYS A 15 7.68 -0.31 0.24
N SER A 16 8.99 -0.57 0.33
CA SER A 16 9.93 -0.06 -0.65
C SER A 16 11.35 -0.52 -0.32
N GLY A 17 11.71 -1.71 -0.79
CA GLY A 17 13.04 -2.24 -0.53
C GLY A 17 14.14 -1.22 -0.78
N LEU A 18 14.39 -0.91 -2.04
CA LEU A 18 15.41 0.06 -2.41
C LEU A 18 14.91 1.49 -2.20
N GLY A 19 14.42 1.78 -1.00
CA GLY A 19 13.92 3.12 -0.71
C GLY A 19 14.18 3.54 0.72
N GLU A 20 13.42 4.54 1.18
CA GLU A 20 13.57 5.05 2.53
C GLU A 20 12.78 4.19 3.53
N ASN A 21 12.80 4.61 4.79
CA ASN A 21 12.09 3.89 5.85
C ASN A 21 10.62 4.27 5.87
N ASN A 22 9.82 3.58 5.07
CA ASN A 22 8.40 3.83 4.99
C ASN A 22 7.58 2.57 5.29
N PRO A 23 7.86 1.92 6.43
CA PRO A 23 7.15 0.69 6.83
C PRO A 23 5.80 0.98 7.47
N THR A 24 5.04 1.89 6.88
CA THR A 24 3.72 2.24 7.41
C THR A 24 2.67 1.23 6.98
N CYS A 25 2.94 0.53 5.87
CA CYS A 25 2.00 -0.46 5.34
C CYS A 25 1.61 -1.47 6.42
N ASN A 26 2.60 -2.09 7.05
CA ASN A 26 2.36 -3.07 8.10
C ASN A 26 1.30 -2.58 9.09
N HIS A 27 1.48 -1.35 9.55
CA HIS A 27 0.55 -0.76 10.51
C HIS A 27 -0.77 -0.41 9.84
N VAL A 28 -0.71 0.43 8.82
CA VAL A 28 -1.90 0.85 8.09
C VAL A 28 -2.75 -0.34 7.64
N CYS A 29 -2.17 -1.20 6.81
CA CYS A 29 -2.87 -2.39 6.33
C CYS A 29 -3.44 -3.20 7.49
N GLU A 30 -2.64 -3.35 8.54
CA GLU A 30 -3.06 -4.10 9.72
C GLU A 30 -3.98 -3.28 10.61
N LYS A 31 -4.23 -2.02 10.22
CA LYS A 31 -5.10 -1.14 11.00
C LYS A 31 -6.55 -1.21 10.52
N LYS A 32 -6.80 -0.77 9.30
CA LYS A 32 -8.15 -0.77 8.75
C LYS A 32 -8.40 -1.96 7.83
N ALA A 33 -7.37 -2.39 7.10
CA ALA A 33 -7.50 -3.52 6.20
C ALA A 33 -6.99 -4.79 6.87
N GLY A 34 -6.77 -4.71 8.17
CA GLY A 34 -6.29 -5.86 8.93
C GLY A 34 -5.11 -6.53 8.28
N SER A 35 -4.63 -7.61 8.89
CA SER A 35 -3.50 -8.36 8.36
C SER A 35 -3.92 -9.75 7.91
N ASP A 36 -3.87 -9.99 6.60
CA ASP A 36 -4.26 -11.28 6.05
C ASP A 36 -3.79 -11.43 4.60
N TYR A 37 -4.38 -10.67 3.70
CA TYR A 37 -4.02 -10.73 2.29
C TYR A 37 -3.22 -9.51 1.86
N GLY A 38 -1.97 -9.75 1.45
CA GLY A 38 -1.10 -8.67 1.02
C GLY A 38 -0.05 -9.15 0.03
N TYR A 39 0.75 -8.21 -0.47
CA TYR A 39 1.80 -8.54 -1.44
C TYR A 39 2.73 -7.34 -1.66
N CYS A 40 4.04 -7.58 -1.62
CA CYS A 40 5.01 -6.52 -1.81
C CYS A 40 5.97 -6.84 -2.95
N TYR A 41 6.15 -5.88 -3.85
CA TYR A 41 7.04 -6.05 -4.98
C TYR A 41 8.04 -4.90 -5.06
N ALA A 42 7.59 -3.75 -5.55
CA ALA A 42 8.43 -2.57 -5.66
C ALA A 42 8.21 -1.64 -4.45
N TRP A 43 8.03 -0.34 -4.71
CA TRP A 43 7.79 0.61 -3.63
C TRP A 43 6.31 0.65 -3.24
N THR A 44 5.53 -0.30 -3.76
CA THR A 44 4.11 -0.37 -3.47
C THR A 44 3.79 -1.52 -2.53
N CYS A 45 2.69 -1.38 -1.80
CA CYS A 45 2.25 -2.41 -0.88
C CYS A 45 0.86 -2.91 -1.26
N TYR A 46 0.76 -4.20 -1.54
CA TYR A 46 -0.51 -4.81 -1.92
C TYR A 46 -1.30 -5.19 -0.69
N CYS A 47 -2.62 -5.20 -0.79
CA CYS A 47 -3.45 -5.55 0.35
C CYS A 47 -4.87 -5.89 -0.06
N GLU A 48 -5.62 -6.45 0.89
CA GLU A 48 -7.01 -6.83 0.63
C GLU A 48 -7.94 -5.95 1.46
N HIS A 49 -9.02 -5.48 0.83
CA HIS A 49 -9.99 -4.61 1.50
C HIS A 49 -9.43 -3.21 1.68
N VAL A 50 -8.63 -2.76 0.71
CA VAL A 50 -8.04 -1.43 0.77
C VAL A 50 -8.41 -0.62 -0.47
N ALA A 51 -8.34 -1.26 -1.62
CA ALA A 51 -8.67 -0.61 -2.88
C ALA A 51 -10.13 -0.18 -2.92
N GLU A 52 -10.97 -0.93 -2.20
CA GLU A 52 -12.39 -0.64 -2.13
C GLU A 52 -12.66 0.67 -1.39
N GLY A 53 -13.79 0.74 -0.71
CA GLY A 53 -14.18 1.94 0.03
C GLY A 53 -13.01 2.66 0.68
N THR A 54 -12.01 1.90 1.12
CA THR A 54 -10.84 2.49 1.78
C THR A 54 -10.07 3.40 0.81
N VAL A 55 -9.24 4.28 1.37
CA VAL A 55 -8.44 5.20 0.56
C VAL A 55 -7.03 4.67 0.37
N LEU A 56 -6.41 5.02 -0.77
CA LEU A 56 -5.06 4.57 -1.07
C LEU A 56 -4.41 5.45 -2.14
N TRP A 57 -4.19 6.72 -1.80
CA TRP A 57 -3.58 7.65 -2.75
C TRP A 57 -2.11 7.87 -2.45
N GLY A 58 -1.39 6.77 -2.21
CA GLY A 58 0.03 6.85 -1.94
C GLY A 58 0.37 7.17 -0.50
N ASP A 59 1.07 6.25 0.16
CA ASP A 59 1.49 6.42 1.55
C ASP A 59 2.91 7.00 1.61
N SER A 60 3.72 6.56 2.58
CA SER A 60 5.08 7.06 2.71
C SER A 60 6.02 6.36 1.75
N GLY A 61 5.95 5.03 1.70
CA GLY A 61 6.81 4.26 0.82
C GLY A 61 6.48 4.47 -0.65
N THR A 62 5.34 5.09 -0.92
CA THR A 62 4.92 5.35 -2.29
C THR A 62 5.61 6.59 -2.85
N GLY A 63 5.13 7.76 -2.47
CA GLY A 63 5.72 8.99 -2.94
C GLY A 63 5.83 9.03 -4.46
N PRO A 64 7.06 9.14 -5.01
CA PRO A 64 7.27 9.17 -6.45
C PRO A 64 6.79 7.89 -7.13
N CYS A 65 6.62 6.83 -6.34
CA CYS A 65 6.16 5.54 -6.86
C CYS A 65 7.21 4.93 -7.77
N ARG A 66 7.01 3.67 -8.14
CA ARG A 66 7.94 2.97 -9.01
C ARG A 66 7.43 2.91 -10.44
N SER A 67 6.11 2.95 -10.60
CA SER A 67 5.50 2.91 -11.93
C SER A 67 5.82 1.59 -12.63
N ARG A 1 -13.89 -6.54 -1.62
CA ARG A 1 -13.01 -5.36 -1.76
C ARG A 1 -11.55 -5.70 -1.46
N ASP A 2 -10.77 -5.91 -2.51
CA ASP A 2 -9.36 -6.25 -2.35
C ASP A 2 -8.52 -4.98 -2.31
N GLY A 3 -7.20 -5.15 -2.24
CA GLY A 3 -6.32 -4.00 -2.21
C GLY A 3 -5.30 -4.03 -3.32
N TYR A 4 -5.79 -4.02 -4.56
CA TYR A 4 -4.93 -4.05 -5.74
C TYR A 4 -5.15 -2.84 -6.67
N PRO A 5 -6.37 -2.28 -6.75
CA PRO A 5 -6.65 -1.12 -7.62
C PRO A 5 -5.56 -0.06 -7.51
N LEU A 6 -4.87 -0.06 -6.37
CA LEU A 6 -3.78 0.87 -6.11
C LEU A 6 -4.09 2.28 -6.63
N ALA A 7 -4.78 3.06 -5.81
CA ALA A 7 -5.16 4.43 -6.15
C ALA A 7 -4.03 5.16 -6.87
N SER A 8 -2.90 5.25 -6.20
CA SER A 8 -1.73 5.90 -6.76
C SER A 8 -0.95 4.91 -7.61
N ASN A 9 -0.44 5.40 -8.73
CA ASN A 9 0.32 4.55 -9.65
C ASN A 9 1.52 3.94 -8.95
N GLY A 10 1.61 2.62 -9.00
CA GLY A 10 2.72 1.91 -8.36
C GLY A 10 3.06 2.48 -7.00
N CYS A 11 2.07 3.08 -6.34
CA CYS A 11 2.27 3.68 -5.03
C CYS A 11 1.02 3.49 -4.17
N LYS A 12 0.89 2.33 -3.52
CA LYS A 12 -0.28 2.05 -2.69
C LYS A 12 -0.05 2.53 -1.27
N PHE A 13 0.63 1.72 -0.47
CA PHE A 13 0.92 2.07 0.91
C PHE A 13 2.44 2.19 1.10
N GLY A 14 2.88 2.22 2.35
CA GLY A 14 4.30 2.36 2.62
C GLY A 14 5.08 1.10 2.29
N CYS A 15 5.80 1.13 1.16
CA CYS A 15 6.61 -0.01 0.73
C CYS A 15 7.39 0.32 -0.55
N SER A 16 7.67 1.61 -0.75
CA SER A 16 8.42 2.05 -1.92
C SER A 16 9.67 1.21 -2.12
N GLY A 17 10.18 0.66 -1.02
CA GLY A 17 11.38 -0.15 -1.10
C GLY A 17 12.63 0.68 -1.34
N LEU A 18 12.79 1.15 -2.57
CA LEU A 18 13.92 1.98 -2.94
C LEU A 18 13.73 3.42 -2.47
N GLY A 19 13.50 3.59 -1.17
CA GLY A 19 13.29 4.92 -0.64
C GLY A 19 13.60 5.01 0.85
N GLU A 20 12.83 5.85 1.55
CA GLU A 20 13.02 6.03 3.00
C GLU A 20 12.30 4.95 3.79
N ASN A 21 12.27 5.12 5.11
CA ASN A 21 11.63 4.17 6.00
C ASN A 21 10.12 4.40 6.04
N ASN A 22 9.41 3.74 5.15
CA ASN A 22 7.96 3.86 5.07
C ASN A 22 7.27 2.51 5.24
N PRO A 23 7.60 1.76 6.30
CA PRO A 23 6.99 0.45 6.57
C PRO A 23 5.66 0.56 7.32
N THR A 24 4.90 1.60 7.03
CA THR A 24 3.61 1.82 7.69
C THR A 24 2.52 0.96 7.05
N CYS A 25 2.73 0.51 5.82
CA CYS A 25 1.74 -0.31 5.13
C CYS A 25 1.35 -1.52 5.97
N ASN A 26 2.26 -1.94 6.84
CA ASN A 26 2.01 -3.08 7.72
C ASN A 26 0.96 -2.72 8.75
N HIS A 27 1.18 -1.61 9.45
CA HIS A 27 0.24 -1.15 10.48
C HIS A 27 -1.07 -0.71 9.84
N VAL A 28 -0.97 0.05 8.76
CA VAL A 28 -2.14 0.54 8.05
C VAL A 28 -3.01 -0.61 7.56
N CYS A 29 -2.35 -1.65 7.05
CA CYS A 29 -3.04 -2.83 6.56
C CYS A 29 -3.85 -3.49 7.68
N GLU A 30 -3.24 -3.59 8.86
CA GLU A 30 -3.91 -4.18 10.01
C GLU A 30 -4.98 -3.22 10.54
N LYS A 31 -4.75 -1.93 10.37
CA LYS A 31 -5.68 -0.92 10.83
C LYS A 31 -7.06 -1.11 10.21
N LYS A 32 -7.19 -0.78 8.94
CA LYS A 32 -8.46 -0.93 8.24
C LYS A 32 -8.29 -1.50 6.83
N ALA A 33 -7.05 -1.77 6.43
CA ALA A 33 -6.80 -2.32 5.10
C ALA A 33 -6.59 -3.82 5.17
N GLY A 34 -7.24 -4.46 6.15
CA GLY A 34 -7.14 -5.90 6.31
C GLY A 34 -5.70 -6.39 6.48
N SER A 35 -5.47 -7.16 7.53
CA SER A 35 -4.14 -7.72 7.79
C SER A 35 -4.12 -9.22 7.52
N ASP A 36 -4.40 -9.60 6.29
CA ASP A 36 -4.42 -11.01 5.91
C ASP A 36 -3.62 -11.23 4.62
N TYR A 37 -4.08 -10.64 3.53
CA TYR A 37 -3.40 -10.78 2.24
C TYR A 37 -2.60 -9.53 1.90
N GLY A 38 -1.36 -9.72 1.47
CA GLY A 38 -0.50 -8.61 1.11
C GLY A 38 0.56 -9.02 0.11
N TYR A 39 1.22 -8.03 -0.51
CA TYR A 39 2.27 -8.32 -1.49
C TYR A 39 3.14 -7.09 -1.75
N CYS A 40 4.45 -7.24 -1.50
CA CYS A 40 5.40 -6.16 -1.71
C CYS A 40 6.50 -6.62 -2.66
N TYR A 41 6.50 -6.08 -3.87
CA TYR A 41 7.50 -6.45 -4.86
C TYR A 41 8.17 -5.21 -5.44
N ALA A 42 7.37 -4.28 -5.92
CA ALA A 42 7.87 -3.05 -6.50
C ALA A 42 7.88 -1.93 -5.45
N TRP A 43 7.70 -0.71 -5.93
CA TRP A 43 7.69 0.46 -5.04
C TRP A 43 6.29 0.71 -4.49
N THR A 44 5.71 -0.28 -3.82
CA THR A 44 4.37 -0.13 -3.25
C THR A 44 3.97 -1.37 -2.44
N CYS A 45 3.01 -1.17 -1.53
CA CYS A 45 2.53 -2.25 -0.67
C CYS A 45 1.13 -2.69 -1.09
N TYR A 46 0.94 -4.00 -1.19
CA TYR A 46 -0.35 -4.56 -1.56
C TYR A 46 -1.06 -5.13 -0.35
N CYS A 47 -2.39 -5.21 -0.42
CA CYS A 47 -3.14 -5.76 0.70
C CYS A 47 -4.57 -6.12 0.30
N GLU A 48 -5.30 -6.72 1.23
CA GLU A 48 -6.68 -7.11 1.00
C GLU A 48 -7.62 -6.32 1.89
N HIS A 49 -8.88 -6.18 1.48
CA HIS A 49 -9.86 -5.43 2.26
C HIS A 49 -9.50 -3.95 2.33
N VAL A 50 -8.61 -3.51 1.46
CA VAL A 50 -8.18 -2.11 1.42
C VAL A 50 -9.13 -1.26 0.58
N ALA A 51 -9.85 -1.93 -0.32
CA ALA A 51 -10.80 -1.24 -1.19
C ALA A 51 -12.11 -0.95 -0.47
N GLU A 52 -12.20 -1.37 0.79
CA GLU A 52 -13.40 -1.15 1.59
C GLU A 52 -13.55 0.34 1.95
N GLY A 53 -13.69 1.17 0.92
CA GLY A 53 -13.83 2.60 1.15
C GLY A 53 -12.77 3.15 2.08
N THR A 54 -11.61 2.50 2.10
CA THR A 54 -10.51 2.92 2.97
C THR A 54 -9.66 3.97 2.28
N VAL A 55 -8.85 4.68 3.07
CA VAL A 55 -7.99 5.73 2.55
C VAL A 55 -6.67 5.15 2.05
N LEU A 56 -6.48 5.16 0.74
CA LEU A 56 -5.27 4.63 0.13
C LEU A 56 -4.79 5.53 -0.99
N TRP A 57 -4.84 6.84 -0.75
CA TRP A 57 -4.41 7.81 -1.75
C TRP A 57 -2.91 8.10 -1.61
N GLY A 58 -2.42 8.14 -0.38
CA GLY A 58 -1.01 8.40 -0.17
C GLY A 58 -0.63 8.54 1.31
N ASP A 59 0.11 7.55 1.80
CA ASP A 59 0.58 7.54 3.19
C ASP A 59 1.99 8.15 3.29
N SER A 60 2.96 7.34 3.71
CA SER A 60 4.33 7.82 3.83
C SER A 60 5.17 7.35 2.65
N GLY A 61 5.25 6.03 2.47
CA GLY A 61 6.03 5.48 1.37
C GLY A 61 5.43 5.79 0.02
N THR A 62 4.16 6.18 0.02
CA THR A 62 3.46 6.51 -1.22
C THR A 62 3.94 7.85 -1.77
N GLY A 63 3.88 7.99 -3.09
CA GLY A 63 4.31 9.22 -3.73
C GLY A 63 5.65 9.07 -4.41
N PRO A 64 6.76 9.15 -3.65
CA PRO A 64 8.10 9.02 -4.20
C PRO A 64 8.59 7.57 -4.21
N CYS A 65 7.67 6.64 -4.48
CA CYS A 65 8.01 5.23 -4.52
C CYS A 65 8.60 4.87 -5.88
N ARG A 66 7.73 4.60 -6.85
CA ARG A 66 8.20 4.25 -8.19
C ARG A 66 8.21 5.47 -9.09
N SER A 67 8.76 5.31 -10.30
CA SER A 67 8.84 6.40 -11.26
C SER A 67 8.28 5.96 -12.62
N ARG A 1 -13.54 -6.60 -1.43
CA ARG A 1 -12.86 -5.32 -1.74
C ARG A 1 -11.35 -5.48 -1.69
N ASP A 2 -10.82 -6.33 -2.56
CA ASP A 2 -9.38 -6.57 -2.63
C ASP A 2 -8.62 -5.26 -2.81
N GLY A 3 -7.30 -5.31 -2.65
CA GLY A 3 -6.49 -4.13 -2.79
C GLY A 3 -5.40 -4.30 -3.83
N TYR A 4 -5.81 -4.49 -5.08
CA TYR A 4 -4.88 -4.66 -6.18
C TYR A 4 -5.10 -3.63 -7.30
N PRO A 5 -5.86 -2.53 -7.05
CA PRO A 5 -6.10 -1.51 -8.07
C PRO A 5 -4.88 -0.62 -8.28
N LEU A 6 -4.04 -0.55 -7.24
CA LEU A 6 -2.82 0.26 -7.27
C LEU A 6 -3.05 1.65 -7.84
N ALA A 7 -4.31 2.13 -7.82
CA ALA A 7 -4.66 3.45 -8.33
C ALA A 7 -3.76 3.88 -9.49
N SER A 8 -2.69 4.61 -9.15
CA SER A 8 -1.74 5.08 -10.16
C SER A 8 -0.64 4.04 -10.40
N ASN A 9 0.55 4.47 -10.80
CA ASN A 9 1.65 3.55 -11.06
C ASN A 9 2.04 2.80 -9.79
N GLY A 10 1.32 1.72 -9.50
CA GLY A 10 1.62 0.92 -8.32
C GLY A 10 2.03 1.78 -7.14
N CYS A 11 1.37 2.91 -6.99
CA CYS A 11 1.67 3.85 -5.91
C CYS A 11 0.71 3.61 -4.74
N LYS A 12 0.90 2.48 -4.06
CA LYS A 12 0.06 2.11 -2.93
C LYS A 12 0.64 2.65 -1.61
N PHE A 13 0.64 1.81 -0.57
CA PHE A 13 1.15 2.22 0.74
C PHE A 13 2.67 2.03 0.80
N GLY A 14 3.21 1.92 2.01
CA GLY A 14 4.64 1.75 2.19
C GLY A 14 5.18 0.46 1.57
N CYS A 15 6.05 -0.22 2.31
CA CYS A 15 6.66 -1.47 1.84
C CYS A 15 7.74 -1.20 0.80
N SER A 16 8.38 -0.04 0.91
CA SER A 16 9.44 0.34 -0.02
C SER A 16 10.40 -0.82 -0.30
N GLY A 17 10.54 -1.70 0.69
CA GLY A 17 11.44 -2.85 0.54
C GLY A 17 12.88 -2.46 0.76
N LEU A 18 13.59 -2.19 -0.32
CA LEU A 18 14.99 -1.81 -0.24
C LEU A 18 15.11 -0.39 0.34
N GLY A 19 14.74 -0.26 1.61
CA GLY A 19 14.78 1.03 2.27
C GLY A 19 13.39 1.49 2.66
N GLU A 20 12.86 0.94 3.75
CA GLU A 20 11.53 1.27 4.23
C GLU A 20 11.35 2.77 4.44
N ASN A 21 11.04 3.48 3.37
CA ASN A 21 10.81 4.92 3.43
C ASN A 21 9.39 5.23 3.89
N ASN A 22 8.62 4.17 4.13
CA ASN A 22 7.24 4.32 4.56
C ASN A 22 6.79 3.09 5.37
N PRO A 23 6.87 3.17 6.71
CA PRO A 23 6.49 2.07 7.60
C PRO A 23 4.99 2.03 7.88
N THR A 24 4.21 2.77 7.09
CA THR A 24 2.76 2.83 7.27
C THR A 24 2.10 1.53 6.80
N CYS A 25 2.48 1.06 5.62
CA CYS A 25 1.91 -0.17 5.05
C CYS A 25 1.76 -1.25 6.13
N ASN A 26 2.72 -1.31 7.05
CA ASN A 26 2.68 -2.30 8.12
C ASN A 26 1.39 -2.17 8.94
N HIS A 27 1.26 -1.06 9.65
CA HIS A 27 0.08 -0.81 10.48
C HIS A 27 -1.14 -0.52 9.63
N VAL A 28 -0.96 0.28 8.58
CA VAL A 28 -2.05 0.65 7.68
C VAL A 28 -2.94 -0.55 7.33
N CYS A 29 -2.37 -1.52 6.63
CA CYS A 29 -3.12 -2.71 6.25
C CYS A 29 -3.43 -3.59 7.45
N GLU A 30 -2.49 -3.65 8.39
CA GLU A 30 -2.67 -4.47 9.60
C GLU A 30 -3.58 -3.80 10.63
N LYS A 31 -4.20 -2.67 10.26
CA LYS A 31 -5.08 -1.97 11.19
C LYS A 31 -6.49 -1.83 10.62
N LYS A 32 -6.62 -1.00 9.58
CA LYS A 32 -7.92 -0.76 8.95
C LYS A 32 -8.22 -1.80 7.88
N ALA A 33 -7.18 -2.28 7.22
CA ALA A 33 -7.35 -3.28 6.17
C ALA A 33 -7.09 -4.67 6.72
N GLY A 34 -6.91 -4.75 8.04
CA GLY A 34 -6.67 -6.01 8.69
C GLY A 34 -5.45 -6.73 8.13
N SER A 35 -4.91 -7.67 8.90
CA SER A 35 -3.73 -8.42 8.48
C SER A 35 -4.12 -9.83 8.04
N ASP A 36 -4.37 -10.00 6.75
CA ASP A 36 -4.74 -11.29 6.20
C ASP A 36 -4.05 -11.51 4.85
N TYR A 37 -4.57 -10.86 3.81
CA TYR A 37 -4.00 -10.97 2.48
C TYR A 37 -3.22 -9.72 2.10
N GLY A 38 -1.91 -9.86 1.98
CA GLY A 38 -1.06 -8.74 1.62
C GLY A 38 0.17 -9.16 0.84
N TYR A 39 0.51 -8.37 -0.18
CA TYR A 39 1.68 -8.66 -1.01
C TYR A 39 2.41 -7.38 -1.38
N CYS A 40 3.62 -7.54 -1.92
CA CYS A 40 4.44 -6.40 -2.33
C CYS A 40 5.22 -6.72 -3.60
N TYR A 41 5.50 -5.68 -4.39
CA TYR A 41 6.27 -5.85 -5.62
C TYR A 41 7.50 -4.95 -5.60
N ALA A 42 7.31 -3.69 -5.99
CA ALA A 42 8.40 -2.73 -5.98
C ALA A 42 8.48 -2.09 -4.60
N TRP A 43 8.52 -0.77 -4.53
CA TRP A 43 8.55 -0.07 -3.25
C TRP A 43 7.12 0.17 -2.75
N THR A 44 6.14 -0.45 -3.42
CA THR A 44 4.73 -0.31 -3.06
C THR A 44 4.28 -1.40 -2.10
N CYS A 45 3.05 -1.26 -1.61
CA CYS A 45 2.48 -2.23 -0.68
C CYS A 45 1.09 -2.66 -1.13
N TYR A 46 0.99 -3.88 -1.64
CA TYR A 46 -0.29 -4.42 -2.09
C TYR A 46 -1.00 -5.06 -0.89
N CYS A 47 -2.32 -5.06 -0.90
CA CYS A 47 -3.06 -5.64 0.22
C CYS A 47 -4.52 -5.88 -0.15
N GLU A 48 -5.29 -6.38 0.83
CA GLU A 48 -6.71 -6.66 0.61
C GLU A 48 -7.57 -5.83 1.55
N HIS A 49 -8.81 -5.59 1.13
CA HIS A 49 -9.76 -4.81 1.93
C HIS A 49 -9.29 -3.37 2.10
N VAL A 50 -8.68 -2.82 1.06
CA VAL A 50 -8.18 -1.45 1.10
C VAL A 50 -8.75 -0.61 -0.04
N ALA A 51 -9.06 -1.27 -1.15
CA ALA A 51 -9.61 -0.59 -2.32
C ALA A 51 -10.96 0.03 -2.01
N GLU A 52 -11.96 -0.81 -1.76
CA GLU A 52 -13.30 -0.35 -1.44
C GLU A 52 -13.46 -0.02 0.04
N GLY A 53 -12.38 0.45 0.66
CA GLY A 53 -12.43 0.79 2.07
C GLY A 53 -11.46 1.89 2.44
N THR A 54 -10.17 1.63 2.26
CA THR A 54 -9.13 2.61 2.57
C THR A 54 -8.87 3.52 1.38
N VAL A 55 -7.82 4.33 1.49
CA VAL A 55 -7.47 5.26 0.42
C VAL A 55 -6.04 5.01 -0.09
N LEU A 56 -5.85 5.14 -1.39
CA LEU A 56 -4.54 4.95 -2.00
C LEU A 56 -4.37 5.83 -3.23
N TRP A 57 -3.38 6.72 -3.17
CA TRP A 57 -3.12 7.63 -4.28
C TRP A 57 -1.68 8.11 -4.26
N GLY A 58 -0.74 7.17 -4.18
CA GLY A 58 0.66 7.51 -4.17
C GLY A 58 1.13 8.01 -2.81
N ASP A 59 1.63 7.08 -1.99
CA ASP A 59 2.13 7.42 -0.66
C ASP A 59 3.63 7.65 -0.69
N SER A 60 4.31 7.45 0.45
CA SER A 60 5.75 7.64 0.52
C SER A 60 6.48 6.51 -0.18
N GLY A 61 6.06 5.27 0.11
CA GLY A 61 6.68 4.12 -0.50
C GLY A 61 5.88 3.61 -1.70
N THR A 62 5.95 4.33 -2.80
CA THR A 62 5.22 3.95 -4.00
C THR A 62 6.08 3.06 -4.91
N GLY A 63 5.42 2.15 -5.62
CA GLY A 63 6.13 1.24 -6.51
C GLY A 63 6.43 1.87 -7.86
N PRO A 64 5.83 1.36 -8.95
CA PRO A 64 6.06 1.92 -10.29
C PRO A 64 6.17 3.44 -10.25
N CYS A 65 5.41 4.05 -9.32
CA CYS A 65 5.45 5.49 -9.14
C CYS A 65 6.85 5.90 -8.70
N ARG A 66 7.25 5.33 -7.56
CA ARG A 66 8.57 5.57 -6.95
C ARG A 66 9.35 6.70 -7.64
N SER A 67 9.92 6.40 -8.81
CA SER A 67 10.68 7.38 -9.56
C SER A 67 9.80 8.56 -9.98
N ARG A 1 -11.80 -5.99 -0.40
CA ARG A 1 -11.22 -6.64 -1.61
C ARG A 1 -9.70 -6.68 -1.53
N ASP A 2 -9.13 -7.83 -1.85
CA ASP A 2 -7.68 -8.00 -1.83
C ASP A 2 -7.07 -7.42 -3.09
N GLY A 3 -6.79 -6.12 -3.07
CA GLY A 3 -6.21 -5.48 -4.24
C GLY A 3 -5.40 -4.25 -3.89
N TYR A 4 -5.16 -3.41 -4.90
CA TYR A 4 -4.40 -2.19 -4.70
C TYR A 4 -4.78 -1.15 -5.76
N PRO A 5 -5.91 -0.43 -5.56
CA PRO A 5 -6.36 0.59 -6.50
C PRO A 5 -5.23 1.52 -6.94
N LEU A 6 -4.15 1.56 -6.16
CA LEU A 6 -3.00 2.39 -6.46
C LEU A 6 -3.43 3.79 -6.89
N ALA A 7 -4.05 4.50 -5.94
CA ALA A 7 -4.52 5.88 -6.16
C ALA A 7 -3.60 6.63 -7.10
N SER A 8 -2.47 7.04 -6.56
CA SER A 8 -1.48 7.77 -7.34
C SER A 8 -0.98 6.86 -8.46
N ASN A 9 0.20 7.18 -8.99
CA ASN A 9 0.77 6.35 -10.06
C ASN A 9 1.49 5.15 -9.47
N GLY A 10 0.73 4.13 -9.13
CA GLY A 10 1.31 2.94 -8.54
C GLY A 10 1.83 3.23 -7.15
N CYS A 11 1.12 4.11 -6.45
CA CYS A 11 1.51 4.51 -5.11
C CYS A 11 0.34 4.40 -4.14
N LYS A 12 0.34 3.34 -3.32
CA LYS A 12 -0.73 3.12 -2.36
C LYS A 12 -0.24 3.36 -0.93
N PHE A 13 0.27 2.32 -0.30
CA PHE A 13 0.79 2.42 1.07
C PHE A 13 2.30 2.48 1.07
N GLY A 14 2.90 2.32 2.25
CA GLY A 14 4.35 2.38 2.34
C GLY A 14 5.00 1.03 2.13
N CYS A 15 5.89 0.96 1.15
CA CYS A 15 6.62 -0.28 0.84
C CYS A 15 7.94 0.05 0.15
N SER A 16 8.46 1.24 0.41
CA SER A 16 9.72 1.69 -0.17
C SER A 16 10.88 0.83 0.29
N GLY A 17 10.97 -0.40 -0.21
CA GLY A 17 12.04 -1.29 0.19
C GLY A 17 13.40 -0.64 0.03
N LEU A 18 13.81 -0.44 -1.22
CA LEU A 18 15.10 0.19 -1.50
C LEU A 18 15.01 1.70 -1.33
N GLY A 19 14.65 2.14 -0.13
CA GLY A 19 14.53 3.57 0.12
C GLY A 19 14.46 3.90 1.61
N GLU A 20 13.55 4.80 1.96
CA GLU A 20 13.40 5.22 3.36
C GLU A 20 12.50 4.24 4.12
N ASN A 21 12.38 4.46 5.42
CA ASN A 21 11.57 3.61 6.29
C ASN A 21 10.10 4.01 6.20
N ASN A 22 9.39 3.45 5.25
CA ASN A 22 7.97 3.73 5.06
C ASN A 22 7.14 2.45 5.12
N PRO A 23 7.20 1.72 6.25
CA PRO A 23 6.45 0.47 6.43
C PRO A 23 5.01 0.73 6.86
N THR A 24 4.33 1.61 6.13
CA THR A 24 2.94 1.94 6.44
C THR A 24 2.00 0.81 6.06
N CYS A 25 2.30 0.13 4.96
CA CYS A 25 1.46 -0.97 4.48
C CYS A 25 1.25 -2.01 5.59
N ASN A 26 2.25 -2.16 6.44
CA ASN A 26 2.18 -3.13 7.53
C ASN A 26 1.17 -2.70 8.59
N HIS A 27 1.41 -1.56 9.21
CA HIS A 27 0.53 -1.05 10.25
C HIS A 27 -0.80 -0.55 9.69
N VAL A 28 -0.75 0.08 8.51
CA VAL A 28 -1.95 0.61 7.88
C VAL A 28 -2.93 -0.50 7.56
N CYS A 29 -2.42 -1.62 7.07
CA CYS A 29 -3.26 -2.76 6.71
C CYS A 29 -3.89 -3.36 7.96
N GLU A 30 -3.04 -3.82 8.88
CA GLU A 30 -3.52 -4.43 10.12
C GLU A 30 -4.39 -3.47 10.93
N LYS A 31 -4.35 -2.18 10.60
CA LYS A 31 -5.14 -1.19 11.31
C LYS A 31 -6.59 -1.15 10.83
N LYS A 32 -6.79 -0.68 9.61
CA LYS A 32 -8.15 -0.54 9.06
C LYS A 32 -8.49 -1.66 8.09
N ALA A 33 -7.51 -2.12 7.32
CA ALA A 33 -7.74 -3.18 6.35
C ALA A 33 -7.32 -4.52 6.93
N GLY A 34 -7.29 -4.59 8.26
CA GLY A 34 -6.89 -5.79 8.95
C GLY A 34 -5.65 -6.43 8.36
N SER A 35 -5.31 -7.63 8.82
CA SER A 35 -4.14 -8.34 8.34
C SER A 35 -4.53 -9.66 7.67
N ASP A 36 -4.65 -9.64 6.35
CA ASP A 36 -5.03 -10.84 5.61
C ASP A 36 -4.24 -10.96 4.31
N TYR A 37 -4.69 -10.26 3.27
CA TYR A 37 -4.02 -10.32 1.97
C TYR A 37 -3.24 -9.04 1.68
N GLY A 38 -1.96 -9.21 1.33
CA GLY A 38 -1.11 -8.09 1.02
C GLY A 38 0.03 -8.51 0.09
N TYR A 39 0.70 -7.54 -0.53
CA TYR A 39 1.80 -7.85 -1.43
C TYR A 39 2.80 -6.70 -1.55
N CYS A 40 4.04 -7.05 -1.85
CA CYS A 40 5.09 -6.06 -2.02
C CYS A 40 6.18 -6.62 -2.92
N TYR A 41 6.41 -5.95 -4.05
CA TYR A 41 7.43 -6.39 -5.00
C TYR A 41 8.41 -5.25 -5.22
N ALA A 42 7.87 -4.12 -5.64
CA ALA A 42 8.68 -2.93 -5.84
C ALA A 42 8.58 -2.06 -4.60
N TRP A 43 8.35 -0.77 -4.77
CA TRP A 43 8.22 0.13 -3.64
C TRP A 43 6.76 0.19 -3.13
N THR A 44 5.82 -0.37 -3.90
CA THR A 44 4.40 -0.34 -3.54
C THR A 44 3.98 -1.53 -2.69
N CYS A 45 2.67 -1.60 -2.37
CA CYS A 45 2.16 -2.68 -1.55
C CYS A 45 0.70 -3.04 -1.88
N TYR A 46 0.28 -4.24 -1.45
CA TYR A 46 -1.08 -4.74 -1.64
C TYR A 46 -1.77 -4.85 -0.29
N CYS A 47 -3.08 -4.63 -0.27
CA CYS A 47 -3.82 -4.72 0.99
C CYS A 47 -5.24 -5.26 0.78
N GLU A 48 -5.72 -6.00 1.77
CA GLU A 48 -7.06 -6.57 1.74
C GLU A 48 -8.07 -5.57 2.27
N HIS A 49 -9.29 -5.60 1.73
CA HIS A 49 -10.34 -4.70 2.15
C HIS A 49 -10.05 -3.26 1.77
N VAL A 50 -9.05 -3.06 0.90
CA VAL A 50 -8.68 -1.74 0.46
C VAL A 50 -9.00 -1.54 -1.02
N ALA A 51 -9.19 -2.64 -1.73
CA ALA A 51 -9.52 -2.59 -3.15
C ALA A 51 -11.02 -2.47 -3.37
N GLU A 52 -11.80 -2.80 -2.34
CA GLU A 52 -13.25 -2.72 -2.42
C GLU A 52 -13.72 -1.26 -2.46
N GLY A 53 -13.30 -0.55 -3.49
CA GLY A 53 -13.69 0.84 -3.63
C GLY A 53 -13.47 1.64 -2.37
N THR A 54 -12.35 1.39 -1.69
CA THR A 54 -12.02 2.08 -0.45
C THR A 54 -11.27 3.38 -0.74
N VAL A 55 -10.82 4.04 0.33
CA VAL A 55 -10.09 5.30 0.20
C VAL A 55 -8.58 5.07 0.24
N LEU A 56 -7.83 5.94 -0.43
CA LEU A 56 -6.38 5.83 -0.48
C LEU A 56 -5.78 6.96 -1.30
N TRP A 57 -4.74 7.59 -0.76
CA TRP A 57 -4.08 8.68 -1.47
C TRP A 57 -2.62 8.84 -1.00
N GLY A 58 -1.92 7.72 -0.89
CA GLY A 58 -0.54 7.74 -0.47
C GLY A 58 -0.39 7.91 1.04
N ASP A 59 0.30 6.96 1.67
CA ASP A 59 0.52 7.00 3.11
C ASP A 59 1.86 7.66 3.45
N SER A 60 2.82 6.87 3.92
CA SER A 60 4.14 7.40 4.26
C SER A 60 5.12 7.17 3.12
N GLY A 61 5.06 5.97 2.53
CA GLY A 61 5.95 5.65 1.43
C GLY A 61 5.63 6.46 0.19
N THR A 62 4.39 6.96 0.09
CA THR A 62 3.97 7.75 -1.06
C THR A 62 4.84 9.00 -1.19
N GLY A 63 4.59 9.77 -2.24
CA GLY A 63 5.37 10.98 -2.48
C GLY A 63 6.40 10.74 -3.57
N PRO A 64 7.57 10.18 -3.21
CA PRO A 64 8.62 9.85 -4.15
C PRO A 64 8.46 8.41 -4.64
N CYS A 65 7.23 7.93 -4.59
CA CYS A 65 6.87 6.57 -5.00
C CYS A 65 7.37 6.25 -6.40
N ARG A 66 6.89 5.13 -6.94
CA ARG A 66 7.28 4.69 -8.27
C ARG A 66 6.19 5.02 -9.29
N SER A 67 6.43 6.06 -10.08
CA SER A 67 5.48 6.48 -11.10
C SER A 67 5.34 5.42 -12.19
#